data_6QU9
#
_entry.id   6QU9
#
_cell.length_a   79.268
_cell.length_b   105.102
_cell.length_c   105.128
_cell.angle_alpha   90.000
_cell.angle_beta   90.000
_cell.angle_gamma   90.000
#
_symmetry.space_group_name_H-M   'P 21 21 21'
#
loop_
_entity.id
_entity.type
_entity.pdbx_description
1 polymer 'FAB 4B12 heavy chain'
2 polymer 'FAB 4B12 light chain'
3 non-polymer 'SULFATE ION'
4 non-polymer 'SODIUM ION'
5 non-polymer GLYCEROL
6 water water
#
loop_
_entity_poly.entity_id
_entity_poly.type
_entity_poly.pdbx_seq_one_letter_code
_entity_poly.pdbx_strand_id
1 'polypeptide(L)'
;QVKLEESGPELVKPGASVKISCKASGYSFIGYYMHWVKQSHVKSLEWIGRINPYNGATRYNQNFQDRATLTVDKSSSTAY
MDFHSLTSEDSAVYYCVRWPGDYWGQGTSVTVSSAKTTPPSVYPLAPGSAAQTNSMVTLGCLVKGYFPEPVTVTWNSGSL
SSGVHTFPAVLQSDLYTLSSSVTVPSSTWPSETVTCNVAHPASSTKVDKKIVPRD
;
H,A
2 'polypeptide(L)'
;DIVMTQTPSSLSASLGGKVTITCKASQKINNYIAWYQLKPGKGPRQLIHYTSKLQPGIPSRFSGSGSGSDYSFSISNLEP
EDIGTYYCLRYEDLWTFGGGTKLEIKRADAAPTVSIFPPSSEQLTSGGASVVCFLNNFYPKDINVKWKIDGSERQNGVLN
SWTDQDSKDSTYSMSSTLTLTKDEYERHNSYTCEATHKTSTSPIVKSFNRNE
;
L,B
#
# COMPACT_ATOMS: atom_id res chain seq x y z
N GLN A 1 -8.00 43.51 -13.86
CA GLN A 1 -8.25 42.10 -13.51
C GLN A 1 -6.93 41.33 -13.38
N VAL A 2 -6.64 40.89 -12.15
CA VAL A 2 -5.40 40.17 -11.89
C VAL A 2 -5.47 38.79 -12.56
N LYS A 3 -4.40 38.41 -13.24
CA LYS A 3 -4.29 37.09 -13.83
C LYS A 3 -2.89 36.55 -13.60
N LEU A 4 -2.81 35.28 -13.22
CA LEU A 4 -1.54 34.56 -13.11
C LEU A 4 -1.60 33.38 -14.07
N GLU A 5 -0.73 33.39 -15.08
CA GLU A 5 -0.75 32.39 -16.14
C GLU A 5 0.52 31.55 -16.05
N GLU A 6 0.36 30.28 -15.68
CA GLU A 6 1.49 29.39 -15.50
C GLU A 6 1.77 28.60 -16.78
N SER A 7 2.99 28.09 -16.87
CA SER A 7 3.37 27.26 -18.00
C SER A 7 2.69 25.90 -17.93
N GLY A 8 2.85 25.12 -19.01
CA GLY A 8 2.06 23.92 -19.18
C GLY A 8 2.61 22.72 -18.43
N PRO A 9 1.95 21.57 -18.63
CA PRO A 9 2.35 20.36 -17.91
C PRO A 9 3.77 19.95 -18.22
N GLU A 10 4.41 19.32 -17.25
CA GLU A 10 5.81 18.93 -17.35
C GLU A 10 5.95 17.45 -17.06
N LEU A 11 6.70 16.76 -17.89
CA LEU A 11 7.07 15.36 -17.69
C LEU A 11 8.58 15.32 -17.55
N VAL A 12 9.06 14.95 -16.37
CA VAL A 12 10.48 14.99 -16.06
CA VAL A 12 10.48 14.99 -16.05
C VAL A 12 10.95 13.61 -15.60
N LYS A 13 12.12 13.22 -16.04
CA LYS A 13 12.68 11.96 -15.59
C LYS A 13 13.21 12.12 -14.17
N PRO A 14 13.20 11.05 -13.37
CA PRO A 14 13.73 11.14 -12.01
C PRO A 14 15.17 11.61 -12.01
N GLY A 15 15.50 12.45 -11.03
CA GLY A 15 16.81 13.05 -10.94
C GLY A 15 17.01 14.29 -11.76
N ALA A 16 16.10 14.60 -12.69
CA ALA A 16 16.22 15.79 -13.51
C ALA A 16 15.58 16.98 -12.80
N SER A 17 15.62 18.14 -13.45
CA SER A 17 15.09 19.37 -12.89
CA SER A 17 15.09 19.37 -12.89
C SER A 17 13.93 19.88 -13.75
N VAL A 18 13.17 20.81 -13.19
CA VAL A 18 12.07 21.45 -13.90
C VAL A 18 12.04 22.92 -13.49
N LYS A 19 11.63 23.77 -14.43
CA LYS A 19 11.48 25.19 -14.19
C LYS A 19 10.10 25.61 -14.66
N ILE A 20 9.29 26.13 -13.74
CA ILE A 20 7.92 26.54 -14.00
C ILE A 20 7.88 28.05 -14.01
N SER A 21 7.07 28.62 -14.89
CA SER A 21 6.92 30.07 -14.99
C SER A 21 5.50 30.47 -14.64
N CYS A 22 5.36 31.74 -14.24
CA CYS A 22 4.08 32.29 -13.79
C CYS A 22 4.06 33.75 -14.22
N LYS A 23 3.30 34.04 -15.28
CA LYS A 23 3.25 35.39 -15.84
C LYS A 23 2.11 36.16 -15.19
N ALA A 24 2.44 37.27 -14.56
CA ALA A 24 1.45 38.10 -13.87
C ALA A 24 1.02 39.25 -14.76
N SER A 25 -0.26 39.59 -14.69
CA SER A 25 -0.79 40.72 -15.43
C SER A 25 -1.96 41.32 -14.65
N GLY A 26 -2.16 42.63 -14.81
CA GLY A 26 -3.27 43.30 -14.19
C GLY A 26 -2.96 43.96 -12.86
N TYR A 27 -1.69 44.11 -12.50
CA TYR A 27 -1.29 44.79 -11.28
C TYR A 27 0.23 45.01 -11.36
N SER A 28 0.76 45.72 -10.37
CA SER A 28 2.20 46.00 -10.32
C SER A 28 2.90 44.74 -9.83
N PHE A 29 3.56 44.03 -10.75
CA PHE A 29 4.17 42.75 -10.40
C PHE A 29 5.24 42.92 -9.32
N ILE A 30 6.07 43.95 -9.43
CA ILE A 30 7.15 44.14 -8.46
C ILE A 30 6.68 44.59 -7.10
N GLY A 31 5.38 44.79 -6.91
CA GLY A 31 4.88 45.26 -5.64
C GLY A 31 4.43 44.22 -4.64
N TYR A 32 3.91 43.10 -5.11
CA TYR A 32 3.34 42.06 -4.26
C TYR A 32 4.22 40.83 -4.25
N TYR A 33 4.36 40.22 -3.08
CA TYR A 33 5.14 38.99 -2.97
C TYR A 33 4.45 37.85 -3.73
N MET A 34 5.25 37.03 -4.39
CA MET A 34 4.75 35.86 -5.09
C MET A 34 5.07 34.61 -4.29
N HIS A 35 4.05 33.82 -4.01
CA HIS A 35 4.19 32.56 -3.28
C HIS A 35 4.00 31.38 -4.22
N TRP A 36 4.54 30.25 -3.80
CA TRP A 36 4.38 28.98 -4.52
C TRP A 36 3.88 27.94 -3.54
N VAL A 37 2.93 27.11 -4.01
CA VAL A 37 2.22 26.14 -3.20
C VAL A 37 2.18 24.82 -3.97
N LYS A 38 2.47 23.73 -3.27
CA LYS A 38 2.42 22.39 -3.86
C LYS A 38 1.14 21.68 -3.40
N GLN A 39 0.42 21.09 -4.35
CA GLN A 39 -0.78 20.31 -4.05
C GLN A 39 -0.57 18.88 -4.52
N SER A 40 -0.61 17.94 -3.58
CA SER A 40 -0.54 16.52 -3.92
C SER A 40 -1.54 15.77 -3.06
N HIS A 41 -1.95 14.59 -3.55
CA HIS A 41 -2.88 13.77 -2.77
C HIS A 41 -2.23 13.23 -1.50
N VAL A 42 -0.92 13.01 -1.52
CA VAL A 42 -0.23 12.42 -0.37
C VAL A 42 0.21 13.45 0.65
N LYS A 43 0.32 14.74 0.27
CA LYS A 43 0.80 15.77 1.17
C LYS A 43 -0.11 16.99 1.24
N SER A 44 -1.29 16.93 0.64
CA SER A 44 -2.31 18.00 0.70
C SER A 44 -1.68 19.29 0.16
N LEU A 45 -1.86 20.42 0.84
CA LEU A 45 -1.32 21.70 0.40
C LEU A 45 -0.07 22.03 1.22
N GLU A 46 1.05 22.23 0.54
CA GLU A 46 2.31 22.59 1.17
C GLU A 46 2.80 23.91 0.59
N TRP A 47 3.19 24.82 1.47
CA TRP A 47 3.87 26.04 1.03
C TRP A 47 5.28 25.70 0.60
N ILE A 48 5.69 26.23 -0.56
CA ILE A 48 7.06 26.05 -1.02
C ILE A 48 7.93 27.23 -0.58
N GLY A 49 7.44 28.44 -0.77
CA GLY A 49 8.20 29.63 -0.47
C GLY A 49 7.58 30.84 -1.11
N ARG A 50 8.22 31.98 -0.90
CA ARG A 50 7.80 33.23 -1.51
C ARG A 50 9.02 34.01 -1.95
N ILE A 51 8.77 35.01 -2.80
CA ILE A 51 9.82 35.91 -3.26
C ILE A 51 9.24 37.32 -3.27
N ASN A 52 10.05 38.28 -2.82
CA ASN A 52 9.74 39.69 -3.00
C ASN A 52 10.27 40.08 -4.37
N PRO A 53 9.41 40.33 -5.36
CA PRO A 53 9.92 40.59 -6.72
C PRO A 53 10.81 41.82 -6.80
N TYR A 54 10.67 42.77 -5.88
CA TYR A 54 11.44 44.01 -5.99
C TYR A 54 12.93 43.75 -5.81
N ASN A 55 13.32 43.08 -4.72
CA ASN A 55 14.72 42.83 -4.45
C ASN A 55 15.11 41.37 -4.64
N GLY A 56 14.16 40.50 -4.99
CA GLY A 56 14.46 39.09 -5.15
C GLY A 56 14.64 38.33 -3.86
N ALA A 57 14.34 38.94 -2.71
CA ALA A 57 14.51 38.26 -1.43
C ALA A 57 13.51 37.13 -1.29
N THR A 58 13.99 35.95 -0.90
CA THR A 58 13.19 34.75 -0.85
C THR A 58 13.11 34.20 0.57
N ARG A 59 12.02 33.48 0.82
CA ARG A 59 11.81 32.68 2.02
C ARG A 59 11.33 31.31 1.59
N TYR A 60 11.81 30.26 2.25
CA TYR A 60 11.52 28.90 1.82
C TYR A 60 10.98 28.05 2.96
N ASN A 61 10.05 27.16 2.61
CA ASN A 61 9.79 25.98 3.43
C ASN A 61 11.07 25.16 3.51
N GLN A 62 11.50 24.87 4.74
CA GLN A 62 12.75 24.15 4.95
C GLN A 62 12.76 22.80 4.22
N ASN A 63 11.58 22.21 3.99
CA ASN A 63 11.50 20.94 3.27
C ASN A 63 11.90 21.05 1.81
N PHE A 64 11.83 22.24 1.21
CA PHE A 64 12.15 22.43 -0.20
C PHE A 64 13.41 23.24 -0.43
N GLN A 65 13.99 23.82 0.62
CA GLN A 65 14.99 24.87 0.45
C GLN A 65 16.25 24.38 -0.23
N ASP A 66 16.61 23.10 -0.08
CA ASP A 66 17.84 22.62 -0.67
C ASP A 66 17.72 22.32 -2.15
N ARG A 67 16.49 22.25 -2.69
CA ARG A 67 16.28 21.89 -4.09
C ARG A 67 15.48 22.90 -4.89
N ALA A 68 14.76 23.81 -4.25
CA ALA A 68 13.90 24.76 -4.96
C ALA A 68 14.54 26.14 -4.96
N THR A 69 14.42 26.84 -6.10
CA THR A 69 14.93 28.19 -6.23
C THR A 69 13.84 29.06 -6.87
N LEU A 70 13.46 30.13 -6.19
CA LEU A 70 12.48 31.07 -6.69
C LEU A 70 13.22 32.28 -7.25
N THR A 71 12.87 32.69 -8.47
CA THR A 71 13.43 33.87 -9.09
C THR A 71 12.31 34.66 -9.74
N VAL A 72 12.64 35.88 -10.17
CA VAL A 72 11.70 36.69 -10.93
C VAL A 72 12.46 37.34 -12.08
N ASP A 73 11.75 37.55 -13.18
CA ASP A 73 12.20 38.43 -14.26
C ASP A 73 11.36 39.70 -14.13
N LYS A 74 11.95 40.72 -13.52
CA LYS A 74 11.18 41.93 -13.20
C LYS A 74 10.62 42.58 -14.45
N SER A 75 11.43 42.69 -15.50
CA SER A 75 11.01 43.41 -16.70
C SER A 75 9.85 42.73 -17.43
N SER A 76 9.65 41.43 -17.22
CA SER A 76 8.61 40.70 -17.93
C SER A 76 7.47 40.25 -17.03
N SER A 77 7.46 40.67 -15.76
CA SER A 77 6.40 40.32 -14.82
C SER A 77 6.19 38.81 -14.73
N THR A 78 7.29 38.07 -14.67
CA THR A 78 7.26 36.62 -14.59
C THR A 78 8.01 36.14 -13.36
N ALA A 79 7.42 35.19 -12.65
CA ALA A 79 8.06 34.52 -11.53
C ALA A 79 8.33 33.07 -11.91
N TYR A 80 9.47 32.55 -11.45
CA TYR A 80 9.89 31.21 -11.80
C TYR A 80 10.07 30.37 -10.54
N MET A 81 9.84 29.07 -10.68
CA MET A 81 10.20 28.09 -9.65
C MET A 81 11.07 27.03 -10.29
N ASP A 82 12.30 26.91 -9.82
CA ASP A 82 13.26 25.92 -10.30
C ASP A 82 13.37 24.84 -9.24
N PHE A 83 13.13 23.59 -9.63
CA PHE A 83 13.11 22.46 -8.70
C PHE A 83 14.10 21.40 -9.22
N HIS A 84 15.12 21.10 -8.42
CA HIS A 84 16.18 20.20 -8.85
C HIS A 84 16.03 18.82 -8.21
N SER A 85 16.60 17.82 -8.89
CA SER A 85 16.74 16.46 -8.36
C SER A 85 15.38 15.86 -7.99
N LEU A 86 14.46 15.88 -8.94
CA LEU A 86 13.09 15.45 -8.64
C LEU A 86 12.99 13.94 -8.51
N THR A 87 12.10 13.50 -7.64
CA THR A 87 11.69 12.11 -7.53
C THR A 87 10.18 12.02 -7.69
N SER A 88 9.67 10.79 -7.71
CA SER A 88 8.24 10.58 -7.88
C SER A 88 7.42 11.25 -6.79
N GLU A 89 8.02 11.48 -5.61
CA GLU A 89 7.33 12.20 -4.54
C GLU A 89 7.09 13.66 -4.90
N ASP A 90 7.77 14.18 -5.91
CA ASP A 90 7.57 15.56 -6.34
C ASP A 90 6.48 15.71 -7.39
N SER A 91 5.96 14.60 -7.91
CA SER A 91 4.81 14.65 -8.80
C SER A 91 3.63 15.30 -8.08
N ALA A 92 3.15 16.42 -8.62
CA ALA A 92 2.13 17.23 -7.96
C ALA A 92 1.70 18.36 -8.87
N VAL A 93 0.70 19.12 -8.44
CA VAL A 93 0.32 20.37 -9.07
C VAL A 93 0.96 21.51 -8.31
N TYR A 94 1.64 22.40 -9.01
CA TYR A 94 2.34 23.53 -8.39
C TYR A 94 1.65 24.82 -8.79
N TYR A 95 1.37 25.66 -7.80
CA TYR A 95 0.67 26.92 -8.01
C TYR A 95 1.56 28.09 -7.67
N CYS A 96 1.50 29.13 -8.49
CA CYS A 96 1.92 30.44 -8.04
C CYS A 96 0.69 31.18 -7.53
N VAL A 97 0.89 32.00 -6.51
CA VAL A 97 -0.22 32.69 -5.89
C VAL A 97 0.29 34.00 -5.30
N ARG A 98 -0.42 35.08 -5.59
CA ARG A 98 0.01 36.38 -5.12
C ARG A 98 -0.43 36.59 -3.69
N TRP A 99 0.45 37.15 -2.88
CA TRP A 99 0.06 37.61 -1.56
C TRP A 99 -1.06 38.65 -1.72
N PRO A 100 -2.12 38.60 -0.89
CA PRO A 100 -2.35 37.78 0.29
C PRO A 100 -3.07 36.45 0.05
N GLY A 101 -2.77 35.78 -1.05
CA GLY A 101 -3.34 34.47 -1.32
C GLY A 101 -4.71 34.48 -1.98
N ASP A 102 -5.10 35.58 -2.61
CA ASP A 102 -6.42 35.68 -3.21
C ASP A 102 -6.43 35.36 -4.71
N TYR A 103 -5.32 35.59 -5.41
CA TYR A 103 -5.23 35.28 -6.84
C TYR A 103 -4.21 34.16 -7.04
N TRP A 104 -4.66 33.11 -7.71
CA TRP A 104 -3.88 31.90 -7.94
C TRP A 104 -3.69 31.68 -9.44
N GLY A 105 -2.52 31.21 -9.83
CA GLY A 105 -2.35 30.66 -11.15
C GLY A 105 -3.18 29.40 -11.33
N GLN A 106 -3.32 28.95 -12.59
CA GLN A 106 -4.13 27.77 -12.82
C GLN A 106 -3.44 26.49 -12.40
N GLY A 107 -2.17 26.55 -12.03
CA GLY A 107 -1.47 25.34 -11.64
C GLY A 107 -0.72 24.71 -12.79
N THR A 108 0.41 24.09 -12.46
CA THR A 108 1.21 23.34 -13.41
C THR A 108 1.37 21.91 -12.90
N SER A 109 0.93 20.95 -13.69
CA SER A 109 1.09 19.55 -13.32
C SER A 109 2.50 19.08 -13.67
N VAL A 110 3.19 18.51 -12.68
CA VAL A 110 4.53 17.97 -12.88
C VAL A 110 4.47 16.47 -12.58
N THR A 111 4.82 15.65 -13.57
CA THR A 111 4.90 14.20 -13.39
C THR A 111 6.36 13.79 -13.49
N VAL A 112 6.86 13.13 -12.45
CA VAL A 112 8.24 12.66 -12.40
C VAL A 112 8.21 11.15 -12.66
N SER A 113 8.67 10.74 -13.84
CA SER A 113 8.62 9.33 -14.22
C SER A 113 9.52 9.10 -15.42
N SER A 114 9.99 7.85 -15.53
CA SER A 114 10.78 7.44 -16.68
CA SER A 114 10.79 7.43 -16.68
C SER A 114 9.94 6.93 -17.83
N ALA A 115 8.62 6.77 -17.63
CA ALA A 115 7.76 6.26 -18.68
C ALA A 115 7.66 7.24 -19.85
N LYS A 116 7.46 6.68 -21.04
CA LYS A 116 7.33 7.47 -22.24
C LYS A 116 5.88 7.80 -22.53
N THR A 117 5.65 8.96 -23.15
CA THR A 117 4.31 9.36 -23.54
C THR A 117 3.71 8.31 -24.48
N THR A 118 2.49 7.87 -24.17
CA THR A 118 1.88 6.74 -24.85
C THR A 118 0.38 6.97 -25.01
N PRO A 119 -0.19 6.74 -26.20
CA PRO A 119 -1.62 6.92 -26.37
C PRO A 119 -2.40 5.80 -25.73
N PRO A 120 -3.65 6.03 -25.34
CA PRO A 120 -4.46 4.96 -24.75
C PRO A 120 -5.01 4.02 -25.80
N SER A 121 -5.24 2.79 -25.38
CA SER A 121 -6.11 1.87 -26.11
C SER A 121 -7.50 1.95 -25.48
N VAL A 122 -8.53 2.03 -26.32
CA VAL A 122 -9.90 2.23 -25.86
C VAL A 122 -10.72 1.01 -26.26
N TYR A 123 -11.33 0.38 -25.26
CA TYR A 123 -12.11 -0.82 -25.47
C TYR A 123 -13.54 -0.62 -25.01
N PRO A 124 -14.52 -1.10 -25.75
CA PRO A 124 -15.92 -0.95 -25.34
C PRO A 124 -16.30 -1.95 -24.26
N LEU A 125 -17.22 -1.52 -23.40
CA LEU A 125 -17.79 -2.36 -22.36
C LEU A 125 -19.28 -2.47 -22.63
N ALA A 126 -19.69 -3.57 -23.27
CA ALA A 126 -21.08 -3.92 -23.53
C ALA A 126 -21.46 -5.14 -22.69
N PRO A 127 -22.70 -5.22 -22.22
CA PRO A 127 -23.08 -6.34 -21.34
C PRO A 127 -23.06 -7.68 -22.10
N GLY A 128 -22.66 -8.73 -21.38
CA GLY A 128 -22.55 -10.05 -21.97
C GLY A 128 -23.86 -10.80 -22.03
N SER A 129 -24.98 -10.08 -22.07
CA SER A 129 -26.30 -10.68 -22.20
C SER A 129 -27.24 -9.67 -22.84
N ALA A 130 -28.38 -10.17 -23.31
CA ALA A 130 -29.40 -9.30 -23.86
C ALA A 130 -30.10 -8.53 -22.74
N ALA A 131 -30.40 -7.27 -23.00
CA ALA A 131 -31.09 -6.46 -22.01
C ALA A 131 -32.52 -6.93 -21.85
N GLN A 132 -33.01 -6.90 -20.61
CA GLN A 132 -34.42 -7.15 -20.36
C GLN A 132 -35.27 -6.18 -21.16
N THR A 133 -36.45 -6.66 -21.59
CA THR A 133 -37.28 -5.91 -22.53
C THR A 133 -37.64 -4.51 -22.04
N ASN A 134 -37.43 -4.22 -20.75
CA ASN A 134 -37.73 -2.89 -20.21
C ASN A 134 -36.85 -2.69 -18.97
N SER A 135 -35.68 -2.09 -19.17
CA SER A 135 -34.67 -2.02 -18.12
C SER A 135 -33.75 -0.84 -18.36
N MET A 136 -32.85 -0.62 -17.40
CA MET A 136 -31.79 0.37 -17.51
C MET A 136 -30.47 -0.35 -17.79
N VAL A 137 -29.72 0.17 -18.75
CA VAL A 137 -28.55 -0.52 -19.29
C VAL A 137 -27.29 0.29 -18.97
N THR A 138 -26.31 -0.38 -18.38
CA THR A 138 -25.03 0.25 -18.04
C THR A 138 -23.99 -0.17 -19.08
N LEU A 139 -23.37 0.82 -19.71
CA LEU A 139 -22.32 0.63 -20.70
C LEU A 139 -21.03 1.29 -20.21
N GLY A 140 -19.95 1.11 -20.96
CA GLY A 140 -18.73 1.78 -20.56
C GLY A 140 -17.64 1.63 -21.60
N CYS A 141 -16.52 2.28 -21.33
CA CYS A 141 -15.34 1.99 -22.13
C CYS A 141 -14.09 2.02 -21.27
N LEU A 142 -13.19 1.10 -21.57
CA LEU A 142 -11.95 0.91 -20.83
C LEU A 142 -10.83 1.64 -21.57
N VAL A 143 -10.12 2.50 -20.85
CA VAL A 143 -9.04 3.31 -21.40
C VAL A 143 -7.75 2.82 -20.76
N LYS A 144 -6.90 2.15 -21.55
CA LYS A 144 -5.83 1.35 -21.00
C LYS A 144 -4.48 1.72 -21.60
N GLY A 145 -3.47 1.78 -20.74
CA GLY A 145 -2.08 1.88 -21.19
C GLY A 145 -1.65 3.23 -21.75
N TYR A 146 -2.07 4.33 -21.13
CA TYR A 146 -1.64 5.64 -21.58
C TYR A 146 -0.69 6.27 -20.57
N PHE A 147 0.00 7.30 -21.02
CA PHE A 147 0.92 8.08 -20.19
C PHE A 147 1.26 9.39 -20.88
N PRO A 148 1.32 10.51 -20.16
CA PRO A 148 0.97 10.61 -18.74
C PRO A 148 -0.50 10.94 -18.53
N GLU A 149 -0.90 11.21 -17.30
CA GLU A 149 -2.21 11.77 -17.08
C GLU A 149 -2.25 13.20 -17.60
N PRO A 150 -3.46 13.73 -17.92
CA PRO A 150 -4.76 13.07 -17.82
C PRO A 150 -5.34 12.67 -19.17
N VAL A 151 -6.45 11.93 -19.11
CA VAL A 151 -7.34 11.76 -20.25
C VAL A 151 -8.69 12.33 -19.87
N THR A 152 -9.48 12.67 -20.88
CA THR A 152 -10.85 13.14 -20.73
CA THR A 152 -10.84 13.13 -20.71
C THR A 152 -11.78 12.17 -21.46
N VAL A 153 -12.88 11.82 -20.82
CA VAL A 153 -13.86 10.92 -21.41
C VAL A 153 -15.21 11.61 -21.39
N THR A 154 -15.86 11.70 -22.55
CA THR A 154 -17.23 12.15 -22.66
C THR A 154 -18.03 11.08 -23.39
N TRP A 155 -19.35 11.24 -23.37
CA TRP A 155 -20.25 10.31 -24.03
C TRP A 155 -21.13 11.10 -25.01
N ASN A 156 -21.13 10.67 -26.26
CA ASN A 156 -21.88 11.35 -27.32
C ASN A 156 -21.54 12.85 -27.36
N SER A 157 -20.24 13.15 -27.25
CA SER A 157 -19.74 14.52 -27.33
C SER A 157 -20.39 15.42 -26.28
N GLY A 158 -20.60 14.87 -25.09
CA GLY A 158 -21.18 15.63 -23.99
C GLY A 158 -22.69 15.63 -23.93
N SER A 159 -23.37 15.05 -24.92
CA SER A 159 -24.83 15.02 -24.93
C SER A 159 -25.40 13.98 -23.98
N LEU A 160 -24.62 12.96 -23.63
CA LEU A 160 -25.02 11.99 -22.61
C LEU A 160 -24.23 12.30 -21.34
N SER A 161 -24.89 12.95 -20.39
CA SER A 161 -24.29 13.25 -19.10
C SER A 161 -24.94 12.50 -17.95
N SER A 162 -26.09 11.86 -18.18
CA SER A 162 -26.81 11.18 -17.11
C SER A 162 -26.15 9.85 -16.78
N GLY A 163 -25.91 9.62 -15.48
CA GLY A 163 -25.36 8.35 -15.03
C GLY A 163 -23.93 8.09 -15.44
N VAL A 164 -23.12 9.12 -15.60
CA VAL A 164 -21.75 9.00 -16.07
C VAL A 164 -20.82 8.98 -14.86
N HIS A 165 -19.97 7.96 -14.80
CA HIS A 165 -18.87 7.90 -13.82
C HIS A 165 -17.59 7.63 -14.57
N THR A 166 -16.63 8.55 -14.46
CA THR A 166 -15.27 8.33 -14.96
C THR A 166 -14.38 8.16 -13.75
N PHE A 167 -13.82 6.98 -13.59
CA PHE A 167 -13.09 6.65 -12.38
C PHE A 167 -11.66 7.16 -12.44
N PRO A 168 -11.06 7.43 -11.28
CA PRO A 168 -9.66 7.87 -11.27
C PRO A 168 -8.75 6.82 -11.88
N ALA A 169 -7.76 7.30 -12.64
CA ALA A 169 -6.78 6.40 -13.24
C ALA A 169 -5.93 5.74 -12.17
N VAL A 170 -5.53 4.51 -12.44
CA VAL A 170 -4.59 3.78 -11.59
C VAL A 170 -3.43 3.34 -12.47
N LEU A 171 -2.24 3.27 -11.88
CA LEU A 171 -1.03 2.87 -12.60
C LEU A 171 -1.04 1.36 -12.78
N GLN A 172 -1.08 0.89 -14.03
CA GLN A 172 -1.11 -0.56 -14.24
C GLN A 172 0.28 -1.15 -14.36
N SER A 173 1.22 -0.39 -14.91
CA SER A 173 2.64 -0.72 -14.84
CA SER A 173 2.64 -0.73 -14.87
C SER A 173 3.43 0.58 -14.78
N ASP A 174 4.02 0.99 -15.87
CA ASP A 174 4.42 2.36 -16.03
C ASP A 174 3.32 3.18 -16.69
N LEU A 175 2.13 2.61 -16.83
CA LEU A 175 1.06 3.20 -17.64
C LEU A 175 -0.24 3.27 -16.84
N TYR A 176 -1.10 4.21 -17.22
CA TYR A 176 -2.37 4.46 -16.53
C TYR A 176 -3.52 3.74 -17.21
N THR A 177 -4.53 3.39 -16.41
CA THR A 177 -5.75 2.78 -16.91
C THR A 177 -6.92 3.32 -16.13
N LEU A 178 -8.02 3.58 -16.83
CA LEU A 178 -9.27 3.92 -16.17
C LEU A 178 -10.43 3.40 -17.00
N SER A 179 -11.60 3.42 -16.40
CA SER A 179 -12.84 3.12 -17.09
CA SER A 179 -12.84 3.12 -17.09
C SER A 179 -13.84 4.23 -16.83
N SER A 180 -14.81 4.34 -17.71
CA SER A 180 -15.92 5.27 -17.57
C SER A 180 -17.20 4.51 -17.83
N SER A 181 -18.23 4.79 -17.03
CA SER A 181 -19.51 4.12 -17.18
C SER A 181 -20.58 5.13 -17.55
N VAL A 182 -21.65 4.62 -18.17
CA VAL A 182 -22.82 5.43 -18.47
C VAL A 182 -24.03 4.50 -18.45
N THR A 183 -25.15 5.00 -17.93
CA THR A 183 -26.37 4.22 -17.83
C THR A 183 -27.47 4.90 -18.64
N VAL A 184 -28.11 4.13 -19.52
CA VAL A 184 -29.11 4.67 -20.43
C VAL A 184 -30.31 3.71 -20.47
N PRO A 185 -31.49 4.24 -20.81
CA PRO A 185 -32.65 3.36 -20.94
C PRO A 185 -32.46 2.36 -22.07
N SER A 186 -32.99 1.15 -21.87
CA SER A 186 -32.91 0.13 -22.90
C SER A 186 -33.59 0.55 -24.20
N SER A 187 -34.54 1.48 -24.13
CA SER A 187 -35.16 2.00 -25.34
C SER A 187 -34.21 2.91 -26.13
N THR A 188 -33.13 3.37 -25.51
CA THR A 188 -32.20 4.28 -26.17
C THR A 188 -31.03 3.54 -26.83
N TRP A 189 -30.61 2.41 -26.27
CA TRP A 189 -29.50 1.65 -26.80
C TRP A 189 -29.94 0.20 -26.98
N PRO A 190 -29.65 -0.43 -28.12
CA PRO A 190 -28.79 0.11 -29.17
C PRO A 190 -29.49 0.83 -30.33
N SER A 191 -30.77 1.19 -30.19
CA SER A 191 -31.46 1.88 -31.27
C SER A 191 -30.80 3.22 -31.60
N GLU A 192 -30.22 3.87 -30.61
CA GLU A 192 -29.43 5.07 -30.81
C GLU A 192 -27.97 4.79 -30.53
N THR A 193 -27.10 5.63 -31.09
CA THR A 193 -25.67 5.43 -30.95
C THR A 193 -25.20 5.92 -29.59
N VAL A 194 -24.39 5.11 -28.92
CA VAL A 194 -23.69 5.50 -27.70
C VAL A 194 -22.20 5.38 -27.96
N THR A 195 -21.50 6.51 -27.91
CA THR A 195 -20.08 6.57 -28.23
C THR A 195 -19.35 7.27 -27.09
N CYS A 196 -18.24 6.69 -26.65
CA CYS A 196 -17.39 7.35 -25.67
C CYS A 196 -16.24 8.04 -26.40
N ASN A 197 -16.04 9.31 -26.10
CA ASN A 197 -14.99 10.11 -26.73
C ASN A 197 -13.84 10.25 -25.74
N VAL A 198 -12.69 9.71 -26.09
CA VAL A 198 -11.51 9.71 -25.23
C VAL A 198 -10.49 10.68 -25.83
N ALA A 199 -10.04 11.61 -25.01
CA ALA A 199 -9.03 12.59 -25.42
C ALA A 199 -7.82 12.48 -24.52
N HIS A 200 -6.64 12.44 -25.13
CA HIS A 200 -5.37 12.39 -24.41
C HIS A 200 -4.49 13.48 -25.00
N PRO A 201 -4.49 14.68 -24.43
CA PRO A 201 -3.75 15.80 -25.04
C PRO A 201 -2.26 15.56 -25.14
N ALA A 202 -1.67 14.84 -24.19
CA ALA A 202 -0.22 14.65 -24.19
C ALA A 202 0.26 13.94 -25.46
N SER A 203 -0.58 13.11 -26.06
CA SER A 203 -0.24 12.40 -27.29
C SER A 203 -1.10 12.85 -28.47
N SER A 204 -1.85 13.94 -28.33
CA SER A 204 -2.65 14.50 -29.42
C SER A 204 -3.66 13.50 -29.98
N THR A 205 -4.17 12.60 -29.14
CA THR A 205 -5.06 11.54 -29.59
C THR A 205 -6.50 11.83 -29.16
N LYS A 206 -7.42 11.73 -30.11
CA LYS A 206 -8.85 11.79 -29.84
C LYS A 206 -9.48 10.55 -30.44
N VAL A 207 -10.04 9.69 -29.58
CA VAL A 207 -10.60 8.42 -30.00
C VAL A 207 -12.09 8.43 -29.72
N ASP A 208 -12.88 8.03 -30.72
CA ASP A 208 -14.30 7.74 -30.54
C ASP A 208 -14.49 6.23 -30.59
N LYS A 209 -15.17 5.69 -29.59
CA LYS A 209 -15.44 4.26 -29.54
C LYS A 209 -16.94 4.08 -29.43
N LYS A 210 -17.55 3.58 -30.51
CA LYS A 210 -18.98 3.27 -30.51
C LYS A 210 -19.21 1.96 -29.75
N ILE A 211 -20.16 1.98 -28.83
CA ILE A 211 -20.51 0.79 -28.06
C ILE A 211 -21.59 0.04 -28.83
N VAL A 212 -21.28 -1.18 -29.24
CA VAL A 212 -22.23 -2.01 -29.96
C VAL A 212 -22.51 -3.26 -29.13
N PRO A 213 -23.71 -3.82 -29.25
CA PRO A 213 -24.03 -5.06 -28.52
C PRO A 213 -23.14 -6.22 -28.95
N ARG A 214 -22.97 -7.18 -28.03
CA ARG A 214 -21.97 -8.22 -28.25
C ARG A 214 -22.43 -9.29 -29.24
N ASP A 215 -23.52 -9.99 -28.93
CA ASP A 215 -24.05 -11.07 -29.77
C ASP A 215 -25.33 -11.57 -29.13
N ASP B 1 9.22 26.97 11.14
CA ASP B 1 7.78 26.98 10.90
C ASP B 1 6.99 27.01 12.20
N ILE B 2 5.74 27.47 12.12
CA ILE B 2 4.79 27.27 13.21
C ILE B 2 3.92 26.08 12.85
N VAL B 3 3.03 25.70 13.75
CA VAL B 3 2.09 24.61 13.52
C VAL B 3 0.68 25.19 13.45
N MET B 4 -0.06 24.79 12.42
CA MET B 4 -1.47 25.13 12.27
C MET B 4 -2.24 23.82 12.43
N THR B 5 -2.82 23.61 13.61
CA THR B 5 -3.50 22.36 13.94
C THR B 5 -4.98 22.50 13.58
N GLN B 6 -5.38 21.85 12.49
CA GLN B 6 -6.74 21.92 12.00
C GLN B 6 -7.51 20.72 12.51
N THR B 7 -8.74 20.95 13.00
CA THR B 7 -9.50 19.83 13.52
C THR B 7 -10.99 20.06 13.31
N PRO B 8 -11.78 18.99 13.06
CA PRO B 8 -11.31 17.63 12.88
C PRO B 8 -10.81 17.47 11.44
N SER B 9 -10.16 16.34 11.16
CA SER B 9 -9.66 16.04 9.83
CA SER B 9 -9.66 16.05 9.83
C SER B 9 -10.72 15.52 8.88
N SER B 10 -11.89 15.15 9.40
CA SER B 10 -12.98 14.61 8.58
C SER B 10 -14.30 15.07 9.17
N LEU B 11 -15.24 15.43 8.28
CA LEU B 11 -16.56 15.89 8.67
C LEU B 11 -17.62 15.15 7.87
N SER B 12 -18.73 14.82 8.53
CA SER B 12 -19.87 14.19 7.88
C SER B 12 -21.14 14.82 8.45
N ALA B 13 -21.90 15.49 7.58
CA ALA B 13 -23.08 16.19 8.05
C ALA B 13 -24.14 16.21 6.97
N SER B 14 -25.36 16.53 7.39
CA SER B 14 -26.51 16.47 6.51
C SER B 14 -26.69 17.77 5.74
N LEU B 15 -27.35 17.65 4.59
CA LEU B 15 -27.75 18.81 3.81
C LEU B 15 -28.58 19.75 4.68
N GLY B 16 -28.39 21.06 4.50
CA GLY B 16 -28.97 22.07 5.34
C GLY B 16 -28.36 22.17 6.72
N GLY B 17 -27.47 21.25 7.09
CA GLY B 17 -26.84 21.26 8.38
C GLY B 17 -25.74 22.30 8.47
N LYS B 18 -25.03 22.26 9.60
CA LYS B 18 -23.98 23.22 9.89
C LYS B 18 -22.75 22.48 10.39
N VAL B 19 -21.57 22.94 9.97
CA VAL B 19 -20.31 22.34 10.38
C VAL B 19 -19.37 23.44 10.85
N THR B 20 -18.37 23.04 11.64
CA THR B 20 -17.40 23.97 12.19
C THR B 20 -16.03 23.32 12.23
N ILE B 21 -15.02 24.07 11.80
CA ILE B 21 -13.63 23.63 11.79
C ILE B 21 -12.81 24.54 12.69
N THR B 22 -11.96 23.92 13.50
CA THR B 22 -11.05 24.65 14.38
C THR B 22 -9.65 24.65 13.80
N CYS B 23 -8.98 25.80 13.91
CA CYS B 23 -7.58 25.93 13.53
C CYS B 23 -6.85 26.60 14.69
N LYS B 24 -5.92 25.86 15.31
CA LYS B 24 -5.19 26.35 16.47
C LYS B 24 -3.72 26.52 16.10
N ALA B 25 -3.25 27.75 16.09
CA ALA B 25 -1.85 28.01 15.79
C ALA B 25 -0.98 27.76 17.02
N SER B 26 0.28 27.41 16.77
CA SER B 26 1.21 27.18 17.87
C SER B 26 1.65 28.47 18.57
N GLN B 27 1.25 29.62 18.06
CA GLN B 27 1.45 30.90 18.74
C GLN B 27 0.48 31.91 18.14
N LYS B 28 0.47 33.12 18.69
CA LYS B 28 -0.44 34.16 18.21
C LYS B 28 -0.08 34.53 16.78
N ILE B 29 -1.08 34.58 15.90
CA ILE B 29 -0.87 34.94 14.51
C ILE B 29 -1.65 36.19 14.13
N ASN B 30 -2.20 36.91 15.11
CA ASN B 30 -2.70 38.27 14.93
C ASN B 30 -3.73 38.37 13.80
N ASN B 31 -4.65 37.41 13.76
CA ASN B 31 -5.82 37.39 12.88
C ASN B 31 -5.48 37.20 11.40
N TYR B 32 -4.22 36.94 11.05
CA TYR B 32 -3.85 36.70 9.65
C TYR B 32 -4.06 35.23 9.31
N ILE B 33 -5.33 34.83 9.29
CA ILE B 33 -5.73 33.48 8.91
C ILE B 33 -6.73 33.58 7.76
N ALA B 34 -6.63 32.64 6.82
CA ALA B 34 -7.54 32.55 5.70
C ALA B 34 -8.06 31.13 5.60
N TRP B 35 -9.23 30.98 4.98
CA TRP B 35 -9.86 29.66 4.82
C TRP B 35 -10.11 29.41 3.34
N TYR B 36 -9.77 28.19 2.90
CA TYR B 36 -9.83 27.83 1.49
C TYR B 36 -10.73 26.61 1.30
N GLN B 37 -11.33 26.54 0.12
CA GLN B 37 -12.08 25.38 -0.33
C GLN B 37 -11.34 24.77 -1.51
N LEU B 38 -11.18 23.45 -1.50
CA LEU B 38 -10.49 22.74 -2.56
C LEU B 38 -11.40 21.63 -3.07
N LYS B 39 -11.92 21.80 -4.27
CA LYS B 39 -12.72 20.75 -4.90
C LYS B 39 -11.92 20.09 -6.02
N PRO B 40 -12.11 18.78 -6.24
CA PRO B 40 -11.36 18.11 -7.31
C PRO B 40 -11.56 18.80 -8.64
N GLY B 41 -10.46 18.94 -9.38
CA GLY B 41 -10.48 19.62 -10.66
C GLY B 41 -10.49 21.12 -10.60
N LYS B 42 -10.39 21.71 -9.41
CA LYS B 42 -10.35 23.15 -9.24
C LYS B 42 -9.17 23.53 -8.36
N GLY B 43 -8.69 24.75 -8.53
CA GLY B 43 -7.66 25.27 -7.66
C GLY B 43 -8.23 25.75 -6.35
N PRO B 44 -7.35 25.98 -5.38
CA PRO B 44 -7.81 26.50 -4.08
C PRO B 44 -8.55 27.82 -4.26
N ARG B 45 -9.67 27.93 -3.55
CA ARG B 45 -10.57 29.09 -3.61
C ARG B 45 -10.61 29.71 -2.22
N GLN B 46 -10.09 30.93 -2.09
CA GLN B 46 -10.13 31.61 -0.80
C GLN B 46 -11.55 32.04 -0.49
N LEU B 47 -12.10 31.53 0.62
CA LEU B 47 -13.44 31.91 1.05
C LEU B 47 -13.39 33.11 1.98
N ILE B 48 -12.48 33.09 2.94
CA ILE B 48 -12.41 34.08 4.01
C ILE B 48 -10.94 34.46 4.20
N HIS B 49 -10.69 35.76 4.35
CA HIS B 49 -9.37 36.24 4.73
C HIS B 49 -9.51 37.15 5.95
N TYR B 50 -8.38 37.42 6.58
CA TYR B 50 -8.31 38.21 7.81
C TYR B 50 -9.38 37.78 8.80
N THR B 51 -9.34 36.48 9.12
CA THR B 51 -10.17 35.84 10.13
C THR B 51 -11.64 35.75 9.75
N SER B 52 -12.25 36.85 9.30
CA SER B 52 -13.69 36.89 9.16
C SER B 52 -14.20 37.59 7.90
N LYS B 53 -13.33 38.17 7.09
CA LYS B 53 -13.78 38.93 5.92
C LYS B 53 -14.03 37.98 4.75
N LEU B 54 -15.26 38.00 4.25
CA LEU B 54 -15.59 37.17 3.09
C LEU B 54 -14.93 37.73 1.83
N GLN B 55 -14.58 36.83 0.93
CA GLN B 55 -14.15 37.23 -0.40
C GLN B 55 -15.35 37.59 -1.26
N PRO B 56 -15.17 38.40 -2.30
CA PRO B 56 -16.30 38.76 -3.16
C PRO B 56 -17.01 37.54 -3.72
N GLY B 57 -18.33 37.58 -3.67
CA GLY B 57 -19.16 36.50 -4.18
C GLY B 57 -19.39 35.34 -3.25
N ILE B 58 -18.69 35.29 -2.11
CA ILE B 58 -18.85 34.17 -1.18
C ILE B 58 -20.09 34.41 -0.33
N PRO B 59 -21.01 33.44 -0.24
CA PRO B 59 -22.24 33.66 0.54
C PRO B 59 -21.95 33.78 2.03
N SER B 60 -22.91 34.38 2.74
CA SER B 60 -22.76 34.64 4.17
C SER B 60 -22.86 33.38 5.02
N ARG B 61 -23.30 32.25 4.45
CA ARG B 61 -23.34 31.00 5.20
C ARG B 61 -21.93 30.47 5.50
N PHE B 62 -20.91 30.99 4.84
CA PHE B 62 -19.53 30.77 5.24
C PHE B 62 -19.13 31.86 6.23
N SER B 63 -18.55 31.46 7.36
CA SER B 63 -18.19 32.44 8.38
C SER B 63 -16.91 32.01 9.07
N GLY B 64 -16.17 32.99 9.56
CA GLY B 64 -14.96 32.72 10.32
C GLY B 64 -14.85 33.69 11.48
N SER B 65 -14.14 33.26 12.52
CA SER B 65 -13.94 34.09 13.69
C SER B 65 -12.72 33.58 14.46
N GLY B 66 -12.37 34.29 15.52
CA GLY B 66 -11.27 33.92 16.38
C GLY B 66 -10.32 35.07 16.59
N SER B 67 -9.27 34.80 17.35
CA SER B 67 -8.25 35.79 17.66
C SER B 67 -7.09 35.05 18.33
N GLY B 68 -5.94 35.73 18.41
CA GLY B 68 -4.77 35.15 19.01
C GLY B 68 -4.27 33.94 18.26
N SER B 69 -4.48 32.75 18.84
CA SER B 69 -4.07 31.51 18.19
C SER B 69 -5.22 30.53 18.01
N ASP B 70 -6.44 30.90 18.39
CA ASP B 70 -7.61 30.03 18.25
C ASP B 70 -8.55 30.64 17.22
N TYR B 71 -8.84 29.89 16.16
CA TYR B 71 -9.70 30.37 15.08
C TYR B 71 -10.68 29.28 14.69
N SER B 72 -11.79 29.70 14.08
CA SER B 72 -12.85 28.77 13.72
C SER B 72 -13.47 29.20 12.39
N PHE B 73 -14.05 28.22 11.72
CA PHE B 73 -14.66 28.36 10.41
C PHE B 73 -15.93 27.53 10.39
N SER B 74 -17.01 28.09 9.86
CA SER B 74 -18.29 27.40 9.86
C SER B 74 -18.97 27.53 8.51
N ILE B 75 -19.66 26.45 8.13
CA ILE B 75 -20.52 26.43 6.95
C ILE B 75 -21.92 26.03 7.42
N SER B 76 -22.89 26.89 7.18
CA SER B 76 -24.28 26.59 7.52
C SER B 76 -25.09 26.37 6.24
N ASN B 77 -26.27 25.76 6.41
CA ASN B 77 -27.15 25.42 5.30
C ASN B 77 -26.38 24.66 4.21
N LEU B 78 -25.82 23.53 4.62
CA LEU B 78 -24.94 22.76 3.75
C LEU B 78 -25.64 22.37 2.46
N GLU B 79 -24.91 22.53 1.35
CA GLU B 79 -25.37 22.15 0.03
C GLU B 79 -24.53 20.99 -0.50
N PRO B 80 -25.07 20.18 -1.41
CA PRO B 80 -24.29 19.04 -1.93
C PRO B 80 -22.98 19.46 -2.56
N GLU B 81 -22.91 20.68 -3.13
CA GLU B 81 -21.69 21.15 -3.77
C GLU B 81 -20.61 21.55 -2.78
N ASP B 82 -20.93 21.70 -1.49
CA ASP B 82 -19.93 22.05 -0.49
C ASP B 82 -18.94 20.92 -0.25
N ILE B 83 -19.15 19.75 -0.85
CA ILE B 83 -18.21 18.65 -0.71
C ILE B 83 -16.83 19.08 -1.17
N GLY B 84 -15.81 18.69 -0.43
CA GLY B 84 -14.44 18.99 -0.77
C GLY B 84 -13.58 18.99 0.47
N THR B 85 -12.39 19.58 0.35
CA THR B 85 -11.48 19.70 1.47
C THR B 85 -11.23 21.17 1.77
N TYR B 86 -11.23 21.50 3.06
CA TYR B 86 -11.10 22.88 3.53
C TYR B 86 -9.81 23.02 4.32
N TYR B 87 -9.15 24.17 4.16
CA TYR B 87 -7.86 24.44 4.79
C TYR B 87 -7.87 25.82 5.43
N CYS B 88 -7.26 25.93 6.61
CA CYS B 88 -6.84 27.23 7.10
C CYS B 88 -5.45 27.54 6.58
N LEU B 89 -5.13 28.83 6.50
CA LEU B 89 -3.82 29.29 6.07
C LEU B 89 -3.39 30.48 6.90
N ARG B 90 -2.22 30.37 7.52
CA ARG B 90 -1.55 31.53 8.09
C ARG B 90 -0.82 32.24 6.95
N TYR B 91 -1.30 33.41 6.55
CA TYR B 91 -0.81 34.01 5.31
C TYR B 91 -0.05 35.31 5.49
N GLU B 92 0.18 35.77 6.71
CA GLU B 92 0.82 37.07 6.91
C GLU B 92 2.08 37.23 6.08
N ASP B 93 3.05 36.31 6.23
CA ASP B 93 4.19 36.28 5.31
C ASP B 93 4.75 34.89 5.13
N LEU B 94 5.33 34.29 6.18
CA LEU B 94 5.73 32.89 6.07
C LEU B 94 4.49 32.01 6.21
N TRP B 95 4.12 31.32 5.14
CA TRP B 95 2.83 30.67 5.12
C TRP B 95 2.90 29.30 5.80
N THR B 96 1.78 28.92 6.43
CA THR B 96 1.60 27.57 6.96
C THR B 96 0.16 27.15 6.72
N PHE B 97 -0.04 26.05 6.00
CA PHE B 97 -1.37 25.49 5.79
C PHE B 97 -1.72 24.54 6.93
N GLY B 98 -2.99 24.54 7.31
CA GLY B 98 -3.52 23.47 8.12
C GLY B 98 -3.56 22.16 7.36
N GLY B 99 -3.78 21.07 8.09
CA GLY B 99 -3.74 19.75 7.49
C GLY B 99 -4.92 19.43 6.59
N GLY B 100 -5.99 20.21 6.69
CA GLY B 100 -7.16 20.01 5.85
C GLY B 100 -8.26 19.23 6.54
N THR B 101 -9.50 19.55 6.20
CA THR B 101 -10.68 18.84 6.68
C THR B 101 -11.49 18.40 5.47
N LYS B 102 -11.70 17.10 5.33
CA LYS B 102 -12.50 16.57 4.22
C LYS B 102 -13.95 16.50 4.66
N LEU B 103 -14.83 17.13 3.87
CA LEU B 103 -16.24 17.25 4.20
C LEU B 103 -17.04 16.24 3.39
N GLU B 104 -17.78 15.38 4.07
CA GLU B 104 -18.69 14.44 3.45
C GLU B 104 -20.13 14.82 3.76
N ILE B 105 -21.01 14.63 2.79
CA ILE B 105 -22.44 14.84 3.00
C ILE B 105 -23.07 13.52 3.41
N LYS B 106 -23.79 13.54 4.52
CA LYS B 106 -24.51 12.37 5.00
C LYS B 106 -25.80 12.21 4.22
N ARG B 107 -26.19 10.96 3.97
CA ARG B 107 -27.42 10.68 3.24
C ARG B 107 -27.86 9.25 3.55
N ALA B 108 -29.01 8.86 3.01
CA ALA B 108 -29.55 7.53 3.24
C ALA B 108 -28.67 6.48 2.60
N ASP B 109 -28.61 5.30 3.23
CA ASP B 109 -27.87 4.19 2.66
C ASP B 109 -28.43 3.80 1.30
N ALA B 110 -27.55 3.35 0.41
CA ALA B 110 -27.93 2.93 -0.92
C ALA B 110 -27.06 1.76 -1.36
N ALA B 111 -27.69 0.68 -1.81
CA ALA B 111 -26.95 -0.46 -2.29
C ALA B 111 -26.32 -0.15 -3.64
N PRO B 112 -25.18 -0.73 -3.96
CA PRO B 112 -24.55 -0.47 -5.25
C PRO B 112 -25.28 -1.16 -6.39
N THR B 113 -25.28 -0.51 -7.55
CA THR B 113 -25.74 -1.11 -8.79
C THR B 113 -24.53 -1.76 -9.46
N VAL B 114 -24.52 -3.08 -9.51
CA VAL B 114 -23.34 -3.85 -9.91
C VAL B 114 -23.51 -4.30 -11.35
N SER B 115 -22.46 -4.10 -12.15
CA SER B 115 -22.45 -4.51 -13.55
C SER B 115 -21.10 -5.16 -13.85
N ILE B 116 -21.12 -6.28 -14.55
CA ILE B 116 -19.90 -6.96 -14.96
C ILE B 116 -19.84 -6.98 -16.49
N PHE B 117 -18.62 -6.91 -17.03
CA PHE B 117 -18.42 -6.85 -18.47
C PHE B 117 -17.35 -7.84 -18.88
N PRO B 118 -17.62 -8.69 -19.86
CA PRO B 118 -16.58 -9.55 -20.42
C PRO B 118 -15.53 -8.72 -21.13
N PRO B 119 -14.34 -9.26 -21.35
CA PRO B 119 -13.37 -8.59 -22.22
C PRO B 119 -13.97 -8.38 -23.60
N SER B 120 -13.70 -7.22 -24.19
CA SER B 120 -14.15 -6.96 -25.54
C SER B 120 -13.39 -7.81 -26.54
N SER B 121 -14.01 -8.06 -27.69
CA SER B 121 -13.31 -8.77 -28.74
C SER B 121 -12.10 -7.99 -29.23
N GLU B 122 -12.17 -6.65 -29.20
CA GLU B 122 -11.04 -5.84 -29.64
CA GLU B 122 -11.04 -5.84 -29.64
C GLU B 122 -9.83 -6.04 -28.73
N GLN B 123 -10.06 -6.16 -27.43
CA GLN B 123 -8.93 -6.37 -26.52
C GLN B 123 -8.35 -7.77 -26.66
N LEU B 124 -9.22 -8.77 -26.79
CA LEU B 124 -8.75 -10.14 -26.94
C LEU B 124 -7.87 -10.32 -28.17
N THR B 125 -8.14 -9.56 -29.22
CA THR B 125 -7.30 -9.62 -30.42
C THR B 125 -5.86 -9.20 -30.11
N SER B 126 -5.68 -8.32 -29.11
CA SER B 126 -4.35 -7.85 -28.72
C SER B 126 -3.67 -8.77 -27.71
N GLY B 127 -4.28 -9.89 -27.34
CA GLY B 127 -3.70 -10.80 -26.38
C GLY B 127 -4.04 -10.53 -24.93
N GLY B 128 -4.82 -9.49 -24.63
CA GLY B 128 -5.17 -9.17 -23.26
C GLY B 128 -6.62 -9.45 -22.94
N ALA B 129 -6.96 -9.48 -21.65
CA ALA B 129 -8.35 -9.74 -21.26
C ALA B 129 -8.58 -9.05 -19.91
N SER B 130 -9.32 -7.96 -19.94
CA SER B 130 -9.71 -7.26 -18.72
C SER B 130 -11.19 -7.50 -18.47
N VAL B 131 -11.53 -7.98 -17.28
CA VAL B 131 -12.91 -8.09 -16.83
C VAL B 131 -13.19 -6.91 -15.91
N VAL B 132 -14.22 -6.14 -16.24
CA VAL B 132 -14.51 -4.88 -15.54
C VAL B 132 -15.81 -5.05 -14.76
N CYS B 133 -15.79 -4.60 -13.51
CA CYS B 133 -16.98 -4.59 -12.66
C CYS B 133 -17.19 -3.17 -12.16
N PHE B 134 -18.39 -2.63 -12.40
CA PHE B 134 -18.78 -1.33 -11.87
C PHE B 134 -19.69 -1.52 -10.66
N LEU B 135 -19.48 -0.70 -9.63
CA LEU B 135 -20.28 -0.72 -8.40
C LEU B 135 -20.68 0.72 -8.18
N ASN B 136 -21.86 1.11 -8.64
CA ASN B 136 -22.18 2.52 -8.82
C ASN B 136 -23.23 2.99 -7.83
N ASN B 137 -23.03 4.22 -7.35
CA ASN B 137 -24.04 4.99 -6.65
C ASN B 137 -24.50 4.31 -5.36
N PHE B 138 -23.53 4.04 -4.49
CA PHE B 138 -23.81 3.44 -3.20
C PHE B 138 -23.43 4.40 -2.07
N TYR B 139 -23.93 4.09 -0.87
CA TYR B 139 -23.63 4.84 0.34
C TYR B 139 -23.88 3.93 1.52
N PRO B 140 -23.01 3.89 2.54
CA PRO B 140 -21.79 4.69 2.67
C PRO B 140 -20.63 4.19 1.81
N LYS B 141 -19.48 4.86 1.92
CA LYS B 141 -18.35 4.63 1.02
C LYS B 141 -17.68 3.28 1.25
N ASP B 142 -17.85 2.67 2.41
CA ASP B 142 -17.19 1.40 2.70
C ASP B 142 -17.82 0.29 1.88
N ILE B 143 -16.97 -0.48 1.17
CA ILE B 143 -17.45 -1.58 0.34
C ILE B 143 -16.26 -2.49 0.06
N ASN B 144 -16.55 -3.77 -0.17
CA ASN B 144 -15.54 -4.76 -0.50
C ASN B 144 -16.01 -5.58 -1.70
N VAL B 145 -15.06 -5.88 -2.58
CA VAL B 145 -15.33 -6.60 -3.83
C VAL B 145 -14.50 -7.87 -3.85
N LYS B 146 -15.11 -8.96 -4.28
CA LYS B 146 -14.43 -10.24 -4.41
C LYS B 146 -14.60 -10.74 -5.84
N TRP B 147 -13.50 -11.19 -6.44
CA TRP B 147 -13.52 -11.80 -7.76
C TRP B 147 -13.44 -13.32 -7.62
N LYS B 148 -14.25 -14.02 -8.41
CA LYS B 148 -14.24 -15.47 -8.43
C LYS B 148 -14.15 -15.95 -9.87
N ILE B 149 -13.14 -16.76 -10.15
CA ILE B 149 -12.96 -17.40 -11.45
C ILE B 149 -13.23 -18.88 -11.27
N ASP B 150 -14.27 -19.39 -11.94
CA ASP B 150 -14.72 -20.76 -11.76
C ASP B 150 -15.01 -21.06 -10.28
N GLY B 151 -15.67 -20.11 -9.62
CA GLY B 151 -16.02 -20.26 -8.22
C GLY B 151 -14.87 -20.17 -7.25
N SER B 152 -13.68 -19.79 -7.70
CA SER B 152 -12.50 -19.71 -6.86
C SER B 152 -12.04 -18.26 -6.76
N GLU B 153 -11.78 -17.81 -5.53
CA GLU B 153 -11.38 -16.43 -5.31
C GLU B 153 -10.08 -16.11 -6.03
N ARG B 154 -9.98 -14.88 -6.53
CA ARG B 154 -8.83 -14.43 -7.29
C ARG B 154 -8.41 -13.07 -6.78
N GLN B 155 -7.12 -12.92 -6.44
CA GLN B 155 -6.59 -11.68 -5.90
C GLN B 155 -5.54 -11.02 -6.79
N ASN B 156 -4.81 -11.79 -7.59
CA ASN B 156 -3.79 -11.22 -8.46
C ASN B 156 -4.42 -10.68 -9.74
N GLY B 157 -3.92 -9.53 -10.18
CA GLY B 157 -4.41 -8.90 -11.38
C GLY B 157 -5.61 -7.99 -11.22
N VAL B 158 -6.04 -7.73 -9.99
CA VAL B 158 -7.21 -6.91 -9.71
C VAL B 158 -6.76 -5.50 -9.38
N LEU B 159 -7.34 -4.51 -10.08
CA LEU B 159 -7.11 -3.10 -9.81
C LEU B 159 -8.43 -2.45 -9.44
N ASN B 160 -8.44 -1.71 -8.32
CA ASN B 160 -9.63 -1.04 -7.84
C ASN B 160 -9.47 0.47 -7.92
N SER B 161 -10.58 1.18 -8.12
CA SER B 161 -10.58 2.63 -8.16
C SER B 161 -11.90 3.15 -7.62
N TRP B 162 -11.82 4.13 -6.73
CA TRP B 162 -12.99 4.70 -6.06
C TRP B 162 -13.14 6.17 -6.43
N THR B 163 -14.37 6.58 -6.75
CA THR B 163 -14.62 7.99 -7.00
C THR B 163 -14.66 8.76 -5.69
N ASP B 164 -14.43 10.06 -5.80
CA ASP B 164 -14.81 10.95 -4.71
C ASP B 164 -16.32 10.96 -4.59
N GLN B 165 -16.83 11.54 -3.50
CA GLN B 165 -18.26 11.61 -3.32
C GLN B 165 -18.88 12.47 -4.42
N ASP B 166 -19.96 11.97 -5.01
CA ASP B 166 -20.64 12.69 -6.07
C ASP B 166 -21.23 13.99 -5.52
N SER B 167 -20.99 15.10 -6.24
CA SER B 167 -21.44 16.40 -5.78
C SER B 167 -22.94 16.61 -5.98
N LYS B 168 -23.63 15.69 -6.65
CA LYS B 168 -25.06 15.84 -6.92
C LYS B 168 -25.90 14.94 -6.01
N ASP B 169 -25.68 13.63 -6.03
CA ASP B 169 -26.49 12.70 -5.25
C ASP B 169 -25.78 12.16 -4.01
N SER B 170 -24.56 12.64 -3.73
CA SER B 170 -23.83 12.30 -2.51
C SER B 170 -23.54 10.80 -2.39
N THR B 171 -23.45 10.10 -3.51
CA THR B 171 -23.12 8.68 -3.50
C THR B 171 -21.67 8.46 -3.90
N TYR B 172 -21.24 7.20 -3.79
CA TYR B 172 -19.91 6.78 -4.18
C TYR B 172 -20.03 5.71 -5.27
N SER B 173 -18.96 5.55 -6.04
CA SER B 173 -18.87 4.49 -7.02
C SER B 173 -17.46 3.93 -7.02
N MET B 174 -17.32 2.72 -7.54
CA MET B 174 -15.99 2.14 -7.65
C MET B 174 -15.97 1.16 -8.82
N SER B 175 -14.78 0.99 -9.38
CA SER B 175 -14.54 0.05 -10.45
CA SER B 175 -14.54 0.05 -10.45
C SER B 175 -13.51 -0.98 -9.99
N SER B 176 -13.74 -2.23 -10.35
CA SER B 176 -12.81 -3.31 -10.06
C SER B 176 -12.53 -4.01 -11.38
N THR B 177 -11.26 -4.12 -11.73
CA THR B 177 -10.86 -4.63 -13.05
C THR B 177 -9.88 -5.77 -12.86
N LEU B 178 -10.23 -6.94 -13.39
CA LEU B 178 -9.36 -8.11 -13.38
C LEU B 178 -8.73 -8.25 -14.77
N THR B 179 -7.42 -8.09 -14.85
CA THR B 179 -6.70 -8.16 -16.11
C THR B 179 -5.90 -9.45 -16.18
N LEU B 180 -6.13 -10.24 -17.21
CA LEU B 180 -5.44 -11.50 -17.43
C LEU B 180 -4.87 -11.50 -18.84
N THR B 181 -3.97 -12.45 -19.10
CA THR B 181 -3.64 -12.77 -20.47
C THR B 181 -4.85 -13.41 -21.14
N LYS B 182 -4.89 -13.30 -22.47
CA LYS B 182 -5.94 -13.97 -23.22
C LYS B 182 -5.92 -15.48 -22.98
N ASP B 183 -4.72 -16.06 -22.90
CA ASP B 183 -4.58 -17.49 -22.65
C ASP B 183 -5.25 -17.90 -21.35
N GLU B 184 -5.01 -17.15 -20.27
CA GLU B 184 -5.58 -17.51 -18.99
C GLU B 184 -7.08 -17.26 -18.95
N TYR B 185 -7.57 -16.27 -19.70
CA TYR B 185 -8.99 -15.99 -19.72
C TYR B 185 -9.78 -17.09 -20.43
N GLU B 186 -9.16 -17.80 -21.36
CA GLU B 186 -9.87 -18.79 -22.15
C GLU B 186 -9.89 -20.18 -21.53
N ARG B 187 -9.02 -20.43 -20.54
CA ARG B 187 -9.04 -21.71 -19.85
C ARG B 187 -9.99 -21.73 -18.66
N HIS B 188 -10.77 -20.66 -18.48
CA HIS B 188 -11.83 -20.60 -17.49
C HIS B 188 -13.08 -20.06 -18.15
N ASN B 189 -14.22 -20.25 -17.50
CA ASN B 189 -15.48 -19.93 -18.18
C ASN B 189 -16.40 -19.01 -17.39
N SER B 190 -16.42 -19.13 -16.06
CA SER B 190 -17.30 -18.35 -15.20
CA SER B 190 -17.30 -18.35 -15.21
C SER B 190 -16.49 -17.30 -14.47
N TYR B 191 -16.87 -16.03 -14.66
CA TYR B 191 -16.20 -14.89 -14.03
C TYR B 191 -17.23 -14.13 -13.21
N THR B 192 -16.96 -13.98 -11.92
CA THR B 192 -17.96 -13.48 -10.96
C THR B 192 -17.40 -12.29 -10.19
N CYS B 193 -18.19 -11.24 -10.11
CA CYS B 193 -17.89 -10.08 -9.28
C CYS B 193 -18.91 -10.00 -8.14
N GLU B 194 -18.41 -9.93 -6.91
CA GLU B 194 -19.26 -9.98 -5.71
C GLU B 194 -19.05 -8.73 -4.87
N ALA B 195 -20.12 -8.01 -4.60
CA ALA B 195 -20.08 -6.78 -3.83
C ALA B 195 -20.70 -7.01 -2.46
N THR B 196 -19.97 -6.68 -1.40
CA THR B 196 -20.44 -6.78 -0.03
C THR B 196 -20.52 -5.39 0.55
N HIS B 197 -21.74 -4.96 0.90
CA HIS B 197 -21.98 -3.60 1.36
C HIS B 197 -22.88 -3.64 2.58
N LYS B 198 -22.82 -2.57 3.38
CA LYS B 198 -23.61 -2.46 4.60
C LYS B 198 -25.10 -2.65 4.35
N THR B 199 -25.59 -2.28 3.17
CA THR B 199 -27.02 -2.34 2.88
C THR B 199 -27.58 -3.75 2.90
N SER B 200 -26.75 -4.79 2.89
CA SER B 200 -27.27 -6.15 2.96
C SER B 200 -26.19 -7.09 3.46
N THR B 201 -26.59 -8.06 4.29
CA THR B 201 -25.68 -9.13 4.68
C THR B 201 -25.39 -10.08 3.53
N SER B 202 -26.26 -10.12 2.51
CA SER B 202 -26.07 -10.98 1.34
CA SER B 202 -26.07 -10.98 1.34
C SER B 202 -25.41 -10.19 0.23
N PRO B 203 -24.35 -10.73 -0.39
CA PRO B 203 -23.65 -9.98 -1.44
C PRO B 203 -24.47 -9.86 -2.71
N ILE B 204 -24.18 -8.81 -3.48
CA ILE B 204 -24.72 -8.66 -4.83
C ILE B 204 -23.75 -9.34 -5.78
N VAL B 205 -24.25 -10.31 -6.53
CA VAL B 205 -23.41 -11.17 -7.37
C VAL B 205 -23.78 -10.94 -8.82
N LYS B 206 -22.76 -10.64 -9.64
CA LYS B 206 -22.91 -10.54 -11.08
C LYS B 206 -21.85 -11.40 -11.73
N SER B 207 -22.21 -12.11 -12.80
CA SER B 207 -21.29 -13.01 -13.47
C SER B 207 -21.76 -13.23 -14.90
N PHE B 208 -20.90 -13.91 -15.67
CA PHE B 208 -21.21 -14.25 -17.04
C PHE B 208 -20.48 -15.53 -17.40
N ASN B 209 -20.96 -16.18 -18.45
CA ASN B 209 -20.30 -17.36 -19.02
C ASN B 209 -19.54 -16.92 -20.26
N ARG B 210 -18.27 -17.32 -20.32
CA ARG B 210 -17.42 -16.87 -21.43
C ARG B 210 -17.95 -17.32 -22.78
N ASN B 211 -18.55 -18.51 -22.86
CA ASN B 211 -19.10 -19.02 -24.12
C ASN B 211 -20.48 -18.45 -24.46
N GLU B 212 -20.91 -17.40 -23.78
CA GLU B 212 -22.25 -16.80 -23.94
C GLU B 212 -23.34 -17.85 -23.81
N GLN C 1 -0.09 -22.84 -14.49
CA GLN C 1 1.08 -22.56 -13.66
C GLN C 1 1.27 -23.65 -12.59
N VAL C 2 2.52 -24.02 -12.31
CA VAL C 2 2.78 -25.03 -11.30
C VAL C 2 2.45 -24.48 -9.92
N LYS C 3 1.68 -25.22 -9.15
CA LYS C 3 1.23 -24.80 -7.83
C LYS C 3 1.42 -25.94 -6.84
N LEU C 4 2.06 -25.65 -5.71
CA LEU C 4 2.21 -26.59 -4.61
C LEU C 4 1.52 -25.99 -3.40
N GLU C 5 0.43 -26.62 -2.97
CA GLU C 5 -0.42 -26.09 -1.90
C GLU C 5 -0.33 -27.02 -0.71
N GLU C 6 0.25 -26.53 0.38
CA GLU C 6 0.44 -27.31 1.59
C GLU C 6 -0.70 -27.07 2.58
N SER C 7 -0.88 -28.02 3.48
CA SER C 7 -1.87 -27.90 4.53
C SER C 7 -1.45 -26.82 5.53
N GLY C 8 -2.41 -26.40 6.37
CA GLY C 8 -2.23 -25.27 7.23
C GLY C 8 -1.30 -25.56 8.40
N PRO C 9 -1.13 -24.56 9.26
CA PRO C 9 -0.22 -24.71 10.41
C PRO C 9 -0.74 -25.76 11.37
N GLU C 10 0.19 -26.37 12.11
CA GLU C 10 -0.13 -27.48 12.99
C GLU C 10 0.40 -27.23 14.38
N LEU C 11 -0.38 -27.66 15.38
CA LEU C 11 0.08 -27.78 16.75
C LEU C 11 -0.04 -29.24 17.13
N VAL C 12 1.07 -29.85 17.54
CA VAL C 12 1.09 -31.26 17.90
C VAL C 12 1.69 -31.41 19.29
N LYS C 13 1.19 -32.39 20.02
CA LYS C 13 1.73 -32.61 21.35
C LYS C 13 3.05 -33.40 21.25
N PRO C 14 3.96 -33.19 22.19
CA PRO C 14 5.23 -33.93 22.17
C PRO C 14 4.98 -35.43 22.19
N GLY C 15 5.67 -36.15 21.29
CA GLY C 15 5.50 -37.57 21.13
C GLY C 15 4.48 -37.97 20.08
N ALA C 16 3.56 -37.08 19.72
CA ALA C 16 2.55 -37.38 18.71
C ALA C 16 3.15 -37.25 17.30
N SER C 17 2.33 -37.53 16.30
CA SER C 17 2.72 -37.43 14.91
C SER C 17 1.98 -36.29 14.24
N VAL C 18 2.49 -35.87 13.08
CA VAL C 18 1.85 -34.85 12.27
C VAL C 18 1.85 -35.33 10.82
N LYS C 19 0.80 -35.01 10.09
CA LYS C 19 0.71 -35.32 8.67
C LYS C 19 0.58 -34.00 7.92
N ILE C 20 1.51 -33.76 7.00
CA ILE C 20 1.51 -32.56 6.17
C ILE C 20 1.18 -33.00 4.74
N SER C 21 0.28 -32.29 4.09
CA SER C 21 -0.08 -32.59 2.71
C SER C 21 0.47 -31.51 1.80
N CYS C 22 0.60 -31.87 0.52
CA CYS C 22 1.16 -30.99 -0.50
C CYS C 22 0.44 -31.32 -1.80
N LYS C 23 -0.51 -30.48 -2.17
CA LYS C 23 -1.33 -30.73 -3.35
C LYS C 23 -0.70 -30.06 -4.57
N ALA C 24 -0.33 -30.87 -5.55
CA ALA C 24 0.35 -30.39 -6.75
C ALA C 24 -0.64 -30.19 -7.88
N SER C 25 -0.42 -29.15 -8.69
CA SER C 25 -1.25 -28.89 -9.85
C SER C 25 -0.42 -28.16 -10.89
N GLY C 26 -0.90 -28.19 -12.13
CA GLY C 26 -0.22 -27.49 -13.21
C GLY C 26 0.91 -28.24 -13.86
N TYR C 27 1.13 -29.50 -13.51
CA TYR C 27 2.15 -30.32 -14.16
C TYR C 27 1.81 -31.78 -13.91
N SER C 28 2.59 -32.67 -14.53
CA SER C 28 2.39 -34.10 -14.42
C SER C 28 2.99 -34.58 -13.11
N PHE C 29 2.13 -34.88 -12.14
CA PHE C 29 2.57 -35.18 -10.78
C PHE C 29 3.57 -36.34 -10.74
N ILE C 30 3.33 -37.38 -11.54
CA ILE C 30 4.13 -38.60 -11.47
C ILE C 30 5.42 -38.44 -12.27
N GLY C 31 5.63 -37.25 -12.83
CA GLY C 31 6.79 -36.98 -13.65
C GLY C 31 7.97 -36.36 -12.94
N TYR C 32 7.82 -35.98 -11.67
CA TYR C 32 8.87 -35.25 -10.97
C TYR C 32 8.99 -35.76 -9.55
N TYR C 33 10.23 -35.98 -9.09
CA TYR C 33 10.46 -36.26 -7.68
C TYR C 33 9.91 -35.12 -6.83
N MET C 34 9.30 -35.47 -5.71
CA MET C 34 8.85 -34.48 -4.73
C MET C 34 9.80 -34.57 -3.54
N HIS C 35 10.41 -33.44 -3.18
CA HIS C 35 11.35 -33.36 -2.07
C HIS C 35 10.71 -32.61 -0.91
N TRP C 36 11.25 -32.84 0.28
CA TRP C 36 10.77 -32.20 1.49
C TRP C 36 11.96 -31.57 2.21
N VAL C 37 11.76 -30.36 2.73
CA VAL C 37 12.83 -29.55 3.28
C VAL C 37 12.37 -28.96 4.61
N LYS C 38 13.24 -28.99 5.61
CA LYS C 38 12.97 -28.40 6.91
C LYS C 38 13.70 -27.07 7.03
N GLN C 39 12.98 -26.05 7.49
CA GLN C 39 13.57 -24.74 7.77
C GLN C 39 13.34 -24.43 9.25
N SER C 40 14.43 -24.28 9.99
CA SER C 40 14.31 -24.06 11.43
CA SER C 40 14.39 -24.05 11.43
C SER C 40 14.18 -22.57 11.75
N HIS C 41 14.06 -22.28 13.05
CA HIS C 41 13.89 -20.90 13.49
C HIS C 41 15.14 -20.07 13.22
N VAL C 42 16.32 -20.70 13.25
CA VAL C 42 17.58 -20.05 12.92
C VAL C 42 17.78 -19.90 11.43
N LYS C 43 16.81 -20.34 10.62
CA LYS C 43 16.86 -20.34 9.17
C LYS C 43 18.00 -21.23 8.66
N SER C 44 17.91 -22.50 9.06
CA SER C 44 18.77 -23.56 8.57
C SER C 44 17.92 -24.45 7.67
N LEU C 45 18.34 -24.59 6.41
CA LEU C 45 17.59 -25.40 5.44
C LEU C 45 18.18 -26.82 5.41
N GLU C 46 17.34 -27.81 5.70
CA GLU C 46 17.75 -29.21 5.76
C GLU C 46 16.88 -30.04 4.83
N TRP C 47 17.51 -30.81 3.96
CA TRP C 47 16.78 -31.77 3.12
C TRP C 47 16.31 -32.93 3.98
N ILE C 48 15.02 -33.25 3.88
CA ILE C 48 14.45 -34.37 4.61
C ILE C 48 14.50 -35.65 3.80
N GLY C 49 14.01 -35.59 2.57
CA GLY C 49 13.97 -36.75 1.72
C GLY C 49 13.17 -36.45 0.46
N ARG C 50 13.10 -37.46 -0.39
CA ARG C 50 12.36 -37.36 -1.64
C ARG C 50 11.49 -38.59 -1.83
N ILE C 51 10.45 -38.45 -2.64
CA ILE C 51 9.63 -39.58 -3.05
C ILE C 51 9.45 -39.52 -4.56
N ASN C 52 9.49 -40.70 -5.18
CA ASN C 52 9.15 -40.84 -6.59
C ASN C 52 7.65 -41.09 -6.66
N PRO C 53 6.84 -40.13 -7.14
CA PRO C 53 5.38 -40.32 -7.12
C PRO C 53 4.90 -41.43 -8.02
N TYR C 54 5.68 -41.82 -9.03
CA TYR C 54 5.25 -42.87 -9.95
C TYR C 54 5.23 -44.23 -9.27
N ASN C 55 6.31 -44.59 -8.57
CA ASN C 55 6.40 -45.89 -7.93
C ASN C 55 6.45 -45.82 -6.40
N GLY C 56 6.47 -44.63 -5.82
CA GLY C 56 6.46 -44.49 -4.38
C GLY C 56 7.80 -44.70 -3.69
N ALA C 57 8.87 -44.94 -4.45
CA ALA C 57 10.18 -45.17 -3.85
C ALA C 57 10.67 -43.90 -3.16
N THR C 58 11.35 -44.08 -2.02
CA THR C 58 11.76 -42.97 -1.18
C THR C 58 13.25 -43.04 -0.87
N ARG C 59 13.83 -41.86 -0.62
CA ARG C 59 15.20 -41.72 -0.14
C ARG C 59 15.21 -40.64 0.93
N TYR C 60 16.00 -40.84 1.98
CA TYR C 60 15.96 -39.97 3.14
C TYR C 60 17.35 -39.49 3.52
N ASN C 61 17.38 -38.27 4.05
CA ASN C 61 18.51 -37.83 4.85
C ASN C 61 18.61 -38.74 6.07
N GLN C 62 19.84 -39.18 6.38
CA GLN C 62 20.03 -40.12 7.48
C GLN C 62 19.51 -39.57 8.80
N ASN C 63 19.55 -38.26 8.98
CA ASN C 63 19.07 -37.67 10.24
C ASN C 63 17.56 -37.73 10.37
N PHE C 64 16.83 -37.91 9.28
CA PHE C 64 15.38 -37.97 9.32
C PHE C 64 14.84 -39.35 9.00
N GLN C 65 15.71 -40.31 8.66
CA GLN C 65 15.26 -41.59 8.13
C GLN C 65 14.31 -42.30 9.10
N ASP C 66 14.58 -42.22 10.40
CA ASP C 66 13.81 -42.99 11.37
C ASP C 66 12.44 -42.38 11.66
N ARG C 67 12.23 -41.11 11.35
CA ARG C 67 11.05 -40.40 11.86
C ARG C 67 10.17 -39.75 10.81
N ALA C 68 10.65 -39.52 9.59
CA ALA C 68 9.84 -38.95 8.53
C ALA C 68 9.49 -40.04 7.52
N THR C 69 8.22 -40.08 7.11
CA THR C 69 7.72 -41.08 6.20
C THR C 69 6.94 -40.38 5.08
N LEU C 70 7.39 -40.56 3.84
CA LEU C 70 6.78 -39.91 2.69
C LEU C 70 5.90 -40.89 1.94
N THR C 71 4.72 -40.43 1.51
CA THR C 71 3.83 -41.18 0.64
C THR C 71 3.24 -40.22 -0.38
N VAL C 72 2.55 -40.78 -1.38
CA VAL C 72 1.81 -39.98 -2.35
C VAL C 72 0.46 -40.63 -2.63
N ASP C 73 -0.51 -39.78 -2.93
CA ASP C 73 -1.81 -40.19 -3.47
C ASP C 73 -1.84 -39.66 -4.90
N LYS C 74 -1.52 -40.51 -5.87
CA LYS C 74 -1.45 -40.00 -7.23
C LYS C 74 -2.82 -39.78 -7.86
N SER C 75 -3.90 -40.27 -7.24
CA SER C 75 -5.23 -39.96 -7.76
C SER C 75 -5.59 -38.50 -7.51
N SER C 76 -5.05 -37.90 -6.45
CA SER C 76 -5.30 -36.50 -6.14
C SER C 76 -4.07 -35.63 -6.31
N SER C 77 -2.97 -36.18 -6.83
CA SER C 77 -1.72 -35.46 -7.01
C SER C 77 -1.28 -34.78 -5.70
N THR C 78 -1.33 -35.56 -4.61
CA THR C 78 -1.03 -35.05 -3.28
C THR C 78 0.12 -35.85 -2.69
N ALA C 79 1.14 -35.15 -2.22
CA ALA C 79 2.25 -35.76 -1.51
C ALA C 79 2.06 -35.55 -0.02
N TYR C 80 2.45 -36.55 0.77
CA TYR C 80 2.25 -36.50 2.22
C TYR C 80 3.58 -36.75 2.93
N MET C 81 3.74 -36.10 4.08
CA MET C 81 4.86 -36.39 4.97
C MET C 81 4.30 -36.65 6.37
N ASP C 82 4.44 -37.87 6.86
CA ASP C 82 4.15 -38.19 8.24
C ASP C 82 5.43 -38.07 9.07
N PHE C 83 5.36 -37.33 10.16
CA PHE C 83 6.50 -37.06 11.03
C PHE C 83 6.07 -37.40 12.45
N HIS C 84 6.62 -38.47 13.02
CA HIS C 84 6.20 -38.97 14.32
C HIS C 84 7.32 -38.81 15.35
N SER C 85 6.99 -39.18 16.59
CA SER C 85 7.92 -39.06 17.73
C SER C 85 8.47 -37.65 17.84
N LEU C 86 7.56 -36.67 17.75
CA LEU C 86 7.95 -35.28 17.65
C LEU C 86 8.30 -34.70 19.02
N THR C 87 9.37 -33.93 19.05
CA THR C 87 9.80 -33.13 20.19
C THR C 87 9.89 -31.67 19.78
N SER C 88 10.32 -30.82 20.72
CA SER C 88 10.39 -29.39 20.45
C SER C 88 11.43 -29.05 19.39
N GLU C 89 12.47 -29.88 19.25
CA GLU C 89 13.47 -29.65 18.20
C GLU C 89 12.86 -29.75 16.81
N ASP C 90 11.71 -30.41 16.66
CA ASP C 90 11.03 -30.55 15.39
C ASP C 90 10.13 -29.37 15.05
N SER C 91 9.97 -28.42 15.97
CA SER C 91 9.24 -27.19 15.68
C SER C 91 9.97 -26.41 14.59
N ALA C 92 9.33 -26.24 13.44
CA ALA C 92 9.97 -25.62 12.29
C ALA C 92 8.94 -25.41 11.19
N VAL C 93 9.38 -24.84 10.08
CA VAL C 93 8.59 -24.74 8.86
C VAL C 93 9.05 -25.83 7.90
N TYR C 94 8.11 -26.58 7.35
CA TYR C 94 8.41 -27.67 6.44
C TYR C 94 7.85 -27.37 5.07
N TYR C 95 8.65 -27.63 4.04
CA TYR C 95 8.28 -27.35 2.66
C TYR C 95 8.28 -28.63 1.84
N CYS C 96 7.30 -28.77 0.96
CA CYS C 96 7.44 -29.67 -0.18
C CYS C 96 8.03 -28.88 -1.33
N VAL C 97 8.86 -29.54 -2.12
CA VAL C 97 9.58 -28.91 -3.23
C VAL C 97 9.59 -29.90 -4.38
N ARG C 98 9.19 -29.44 -5.57
CA ARG C 98 9.27 -30.27 -6.75
C ARG C 98 10.67 -30.21 -7.32
N TRP C 99 11.23 -31.37 -7.64
CA TRP C 99 12.48 -31.41 -8.38
C TRP C 99 12.30 -30.64 -9.70
N PRO C 100 13.32 -29.90 -10.16
CA PRO C 100 14.68 -29.75 -9.62
C PRO C 100 14.86 -28.59 -8.64
N GLY C 101 13.83 -28.29 -7.86
CA GLY C 101 13.92 -27.25 -6.86
C GLY C 101 13.43 -25.88 -7.28
N ASP C 102 12.67 -25.78 -8.37
CA ASP C 102 12.21 -24.50 -8.87
C ASP C 102 10.80 -24.13 -8.40
N TYR C 103 10.05 -25.06 -7.82
CA TYR C 103 8.73 -24.77 -7.30
C TYR C 103 8.63 -25.29 -5.88
N TRP C 104 8.21 -24.43 -4.96
CA TRP C 104 8.13 -24.72 -3.54
C TRP C 104 6.70 -24.52 -3.06
N GLY C 105 6.25 -25.38 -2.16
CA GLY C 105 5.06 -25.09 -1.41
C GLY C 105 5.25 -23.88 -0.51
N GLN C 106 4.14 -23.35 0.00
CA GLN C 106 4.25 -22.16 0.83
C GLN C 106 4.79 -22.46 2.22
N GLY C 107 5.00 -23.71 2.57
CA GLY C 107 5.50 -24.05 3.89
C GLY C 107 4.39 -24.34 4.87
N THR C 108 4.71 -25.16 5.86
CA THR C 108 3.79 -25.53 6.93
C THR C 108 4.50 -25.36 8.26
N SER C 109 3.98 -24.46 9.10
CA SER C 109 4.57 -24.23 10.41
C SER C 109 4.05 -25.28 11.39
N VAL C 110 4.97 -26.02 12.00
CA VAL C 110 4.65 -27.05 12.98
C VAL C 110 5.20 -26.61 14.33
N THR C 111 4.33 -26.56 15.33
CA THR C 111 4.72 -26.27 16.71
C THR C 111 4.46 -27.52 17.55
N VAL C 112 5.50 -28.00 18.23
CA VAL C 112 5.40 -29.17 19.09
C VAL C 112 5.37 -28.67 20.53
N SER C 113 4.19 -28.75 21.17
CA SER C 113 4.01 -28.22 22.51
C SER C 113 2.71 -28.77 23.08
N SER C 114 2.61 -28.73 24.41
CA SER C 114 1.41 -29.15 25.10
C SER C 114 0.48 -27.99 25.44
N ALA C 115 0.93 -26.75 25.25
CA ALA C 115 0.07 -25.60 25.51
C ALA C 115 -1.14 -25.61 24.59
N LYS C 116 -2.23 -25.03 25.07
CA LYS C 116 -3.51 -25.11 24.38
C LYS C 116 -3.66 -23.98 23.36
N THR C 117 -4.40 -24.28 22.30
CA THR C 117 -4.71 -23.27 21.30
C THR C 117 -5.56 -22.16 21.92
N THR C 118 -5.12 -20.91 21.72
CA THR C 118 -5.82 -19.75 22.24
C THR C 118 -5.93 -18.71 21.13
N PRO C 119 -7.12 -18.20 20.85
CA PRO C 119 -7.27 -17.19 19.80
C PRO C 119 -6.76 -15.85 20.27
N PRO C 120 -6.38 -14.96 19.35
CA PRO C 120 -5.85 -13.66 19.75
C PRO C 120 -6.94 -12.67 20.09
N SER C 121 -6.57 -11.71 20.94
CA SER C 121 -7.35 -10.49 21.12
C SER C 121 -6.71 -9.39 20.29
N VAL C 122 -7.51 -8.71 19.48
CA VAL C 122 -7.02 -7.71 18.54
C VAL C 122 -7.49 -6.34 19.00
N TYR C 123 -6.54 -5.46 19.28
CA TYR C 123 -6.87 -4.13 19.75
C TYR C 123 -6.34 -3.08 18.77
N PRO C 124 -7.11 -2.03 18.52
CA PRO C 124 -6.63 -0.97 17.63
C PRO C 124 -5.67 -0.04 18.35
N LEU C 125 -4.71 0.48 17.58
CA LEU C 125 -3.76 1.45 18.09
C LEU C 125 -4.00 2.76 17.35
N ALA C 126 -4.75 3.66 17.97
CA ALA C 126 -5.02 4.99 17.45
C ALA C 126 -4.18 6.02 18.20
N PRO C 127 -3.67 7.04 17.51
CA PRO C 127 -2.77 8.05 18.10
C PRO C 127 -3.40 8.79 19.29
N GLN C 132 -2.20 15.28 17.94
CA GLN C 132 -0.91 15.72 17.42
C GLN C 132 -0.68 15.17 16.02
N THR C 133 -0.63 16.05 15.03
CA THR C 133 -0.61 15.65 13.62
C THR C 133 0.71 16.05 12.96
N ASN C 134 0.95 15.42 11.81
CA ASN C 134 2.09 15.72 10.94
C ASN C 134 1.65 15.41 9.51
N SER C 135 2.61 15.31 8.59
CA SER C 135 2.27 14.95 7.22
CA SER C 135 2.28 14.95 7.22
C SER C 135 1.86 13.49 7.11
N MET C 136 2.51 12.61 7.86
CA MET C 136 2.18 11.20 7.93
C MET C 136 1.66 10.87 9.32
N VAL C 137 0.82 9.83 9.40
CA VAL C 137 0.29 9.34 10.67
C VAL C 137 0.54 7.84 10.74
N THR C 138 0.95 7.37 11.91
CA THR C 138 1.22 5.96 12.13
C THR C 138 0.11 5.35 12.97
N LEU C 139 -0.47 4.26 12.47
CA LEU C 139 -1.53 3.52 13.14
C LEU C 139 -1.00 2.12 13.47
N GLY C 140 -1.80 1.37 14.20
CA GLY C 140 -1.32 0.08 14.67
C GLY C 140 -2.42 -0.88 15.07
N CYS C 141 -1.99 -2.11 15.30
CA CYS C 141 -2.88 -3.24 15.55
C CYS C 141 -2.17 -4.13 16.56
N LEU C 142 -2.75 -4.27 17.75
CA LEU C 142 -2.17 -5.08 18.82
C LEU C 142 -2.84 -6.45 18.84
N VAL C 143 -2.03 -7.50 18.68
CA VAL C 143 -2.53 -8.87 18.55
C VAL C 143 -1.96 -9.64 19.74
N LYS C 144 -2.79 -9.84 20.76
CA LYS C 144 -2.31 -10.24 22.08
C LYS C 144 -2.88 -11.58 22.52
N GLY C 145 -2.04 -12.39 23.14
CA GLY C 145 -2.47 -13.57 23.88
C GLY C 145 -2.98 -14.73 23.05
N TYR C 146 -2.24 -15.13 22.03
CA TYR C 146 -2.64 -16.24 21.17
C TYR C 146 -1.60 -17.35 21.22
N PHE C 147 -2.05 -18.55 20.83
CA PHE C 147 -1.16 -19.70 20.70
C PHE C 147 -1.82 -20.70 19.79
N PRO C 148 -1.07 -21.34 18.87
CA PRO C 148 0.35 -21.09 18.64
C PRO C 148 0.58 -20.10 17.50
N GLU C 149 1.85 -19.93 17.12
CA GLU C 149 2.17 -19.26 15.87
C GLU C 149 1.64 -20.10 14.69
N PRO C 150 1.37 -19.48 13.54
CA PRO C 150 1.50 -18.05 13.25
C PRO C 150 0.17 -17.32 13.21
N VAL C 151 0.24 -15.99 13.09
CA VAL C 151 -0.90 -15.18 12.71
C VAL C 151 -0.52 -14.41 11.45
N THR C 152 -1.54 -14.03 10.69
CA THR C 152 -1.38 -13.21 9.50
C THR C 152 -2.03 -11.86 9.75
N VAL C 153 -1.28 -10.78 9.55
CA VAL C 153 -1.79 -9.43 9.68
C VAL C 153 -1.68 -8.74 8.32
N THR C 154 -2.80 -8.26 7.82
CA THR C 154 -2.82 -7.41 6.64
C THR C 154 -3.57 -6.12 6.98
N TRP C 155 -3.39 -5.11 6.14
CA TRP C 155 -4.09 -3.85 6.27
C TRP C 155 -4.95 -3.62 5.04
N ASN C 156 -6.21 -3.24 5.25
CA ASN C 156 -7.17 -3.03 4.17
C ASN C 156 -7.19 -4.21 3.21
N SER C 157 -7.26 -5.42 3.78
CA SER C 157 -7.34 -6.67 3.03
C SER C 157 -6.17 -6.85 2.08
N GLY C 158 -5.00 -6.34 2.45
CA GLY C 158 -3.82 -6.43 1.62
C GLY C 158 -3.60 -5.28 0.67
N SER C 159 -4.57 -4.37 0.53
CA SER C 159 -4.39 -3.24 -0.37
C SER C 159 -3.39 -2.23 0.18
N LEU C 160 -3.25 -2.16 1.49
CA LEU C 160 -2.31 -1.26 2.14
C LEU C 160 -1.09 -2.06 2.58
N SER C 161 0.05 -1.84 1.92
CA SER C 161 1.21 -2.67 2.16
C SER C 161 2.55 -1.94 2.18
N SER C 162 2.63 -0.68 1.72
CA SER C 162 3.93 -0.05 1.52
C SER C 162 4.61 0.28 2.84
N GLY C 163 3.90 0.92 3.76
CA GLY C 163 4.51 1.36 5.01
C GLY C 163 4.12 0.53 6.21
N VAL C 164 4.16 -0.79 6.07
CA VAL C 164 3.68 -1.72 7.09
C VAL C 164 4.88 -2.33 7.81
N HIS C 165 4.80 -2.39 9.14
CA HIS C 165 5.77 -3.10 9.97
C HIS C 165 5.01 -4.05 10.87
N THR C 166 5.15 -5.35 10.64
CA THR C 166 4.61 -6.37 11.51
C THR C 166 5.75 -7.01 12.29
N PHE C 167 5.72 -6.89 13.59
CA PHE C 167 6.87 -7.27 14.38
C PHE C 167 6.80 -8.75 14.77
N PRO C 168 7.96 -9.38 14.98
CA PRO C 168 7.94 -10.78 15.42
C PRO C 168 7.23 -10.93 16.76
N ALA C 169 6.52 -12.04 16.92
CA ALA C 169 5.81 -12.28 18.16
C ALA C 169 6.78 -12.58 19.29
N VAL C 170 6.38 -12.20 20.51
CA VAL C 170 7.14 -12.50 21.72
C VAL C 170 6.34 -13.51 22.54
N LEU C 171 7.01 -14.55 23.01
CA LEU C 171 6.37 -15.62 23.77
C LEU C 171 6.52 -15.35 25.25
N GLN C 172 5.41 -15.42 25.98
CA GLN C 172 5.43 -15.26 27.42
C GLN C 172 4.22 -15.97 28.00
N SER C 173 4.46 -16.82 29.01
CA SER C 173 3.40 -17.60 29.66
C SER C 173 2.62 -18.44 28.66
N ASP C 174 3.35 -19.03 27.71
CA ASP C 174 2.78 -19.87 26.65
C ASP C 174 1.78 -19.09 25.79
N LEU C 175 1.95 -17.78 25.69
CA LEU C 175 1.09 -16.93 24.88
C LEU C 175 1.94 -15.97 24.07
N TYR C 176 1.57 -15.78 22.81
CA TYR C 176 2.27 -14.87 21.90
C TYR C 176 1.58 -13.52 21.85
N THR C 177 2.38 -12.48 21.60
CA THR C 177 1.87 -11.14 21.42
C THR C 177 2.71 -10.45 20.35
N LEU C 178 2.04 -9.75 19.44
CA LEU C 178 2.74 -8.93 18.45
C LEU C 178 1.92 -7.69 18.16
N SER C 179 2.56 -6.73 17.51
CA SER C 179 1.89 -5.56 16.97
C SER C 179 2.28 -5.38 15.52
N SER C 180 1.42 -4.70 14.78
CA SER C 180 1.71 -4.27 13.42
C SER C 180 1.47 -2.78 13.34
N SER C 181 2.38 -2.07 12.69
CA SER C 181 2.21 -0.65 12.45
C SER C 181 2.09 -0.40 10.96
N VAL C 182 1.32 0.63 10.63
CA VAL C 182 1.21 1.11 9.25
C VAL C 182 1.23 2.63 9.28
N THR C 183 1.98 3.22 8.36
CA THR C 183 2.15 4.67 8.28
C THR C 183 1.53 5.14 6.97
N VAL C 184 0.60 6.08 7.07
CA VAL C 184 -0.13 6.57 5.90
C VAL C 184 -0.10 8.09 5.92
N PRO C 185 -0.34 8.73 4.76
CA PRO C 185 -0.48 10.18 4.75
C PRO C 185 -1.64 10.61 5.64
N SER C 186 -1.43 11.71 6.39
CA SER C 186 -2.49 12.21 7.26
C SER C 186 -3.73 12.62 6.48
N SER C 187 -3.59 12.94 5.19
CA SER C 187 -4.76 13.22 4.37
C SER C 187 -5.56 11.97 4.04
N THR C 188 -5.01 10.78 4.31
CA THR C 188 -5.65 9.51 3.97
C THR C 188 -6.43 8.92 5.13
N TRP C 189 -6.07 9.22 6.37
CA TRP C 189 -6.78 8.73 7.54
C TRP C 189 -6.93 9.88 8.51
N PRO C 190 -8.10 10.03 9.16
CA PRO C 190 -9.26 9.13 9.14
C PRO C 190 -10.29 9.44 8.06
N SER C 191 -9.98 10.33 7.11
CA SER C 191 -10.92 10.60 6.02
C SER C 191 -11.22 9.32 5.24
N GLU C 192 -10.27 8.42 5.12
CA GLU C 192 -10.52 7.09 4.58
C GLU C 192 -10.25 6.05 5.66
N THR C 193 -10.78 4.86 5.45
CA THR C 193 -10.75 3.82 6.47
CA THR C 193 -10.76 3.82 6.46
C THR C 193 -9.45 3.03 6.42
N VAL C 194 -8.94 2.70 7.60
CA VAL C 194 -7.78 1.83 7.76
C VAL C 194 -8.18 0.71 8.71
N THR C 195 -8.01 -0.54 8.26
CA THR C 195 -8.45 -1.71 9.02
C THR C 195 -7.36 -2.76 8.97
N CYS C 196 -7.03 -3.34 10.12
CA CYS C 196 -6.11 -4.47 10.16
C CYS C 196 -6.92 -5.76 10.18
N ASN C 197 -6.52 -6.71 9.35
CA ASN C 197 -7.17 -8.01 9.24
C ASN C 197 -6.22 -9.04 9.84
N VAL C 198 -6.65 -9.69 10.92
CA VAL C 198 -5.83 -10.65 11.64
C VAL C 198 -6.42 -12.04 11.44
N ALA C 199 -5.58 -12.97 11.01
CA ALA C 199 -5.97 -14.36 10.84
C ALA C 199 -5.15 -15.23 11.78
N HIS C 200 -5.83 -16.14 12.49
CA HIS C 200 -5.17 -17.14 13.33
C HIS C 200 -5.77 -18.49 12.97
N PRO C 201 -5.18 -19.20 12.00
CA PRO C 201 -5.79 -20.45 11.51
C PRO C 201 -5.95 -21.51 12.58
N ALA C 202 -5.03 -21.59 13.55
CA ALA C 202 -5.10 -22.66 14.55
C ALA C 202 -6.37 -22.57 15.39
N SER C 203 -6.96 -21.38 15.50
CA SER C 203 -8.22 -21.20 16.20
C SER C 203 -9.35 -20.84 15.25
N SER C 204 -9.11 -20.91 13.93
CA SER C 204 -10.14 -20.63 12.93
C SER C 204 -10.78 -19.26 13.15
N THR C 205 -9.95 -18.28 13.50
CA THR C 205 -10.42 -16.93 13.77
C THR C 205 -9.91 -15.96 12.72
N LYS C 206 -10.78 -15.05 12.29
CA LYS C 206 -10.43 -13.93 11.42
C LYS C 206 -11.14 -12.70 11.97
N VAL C 207 -10.38 -11.65 12.25
CA VAL C 207 -10.90 -10.46 12.91
C VAL C 207 -10.46 -9.23 12.12
N ASP C 208 -11.41 -8.34 11.86
CA ASP C 208 -11.13 -7.01 11.32
C ASP C 208 -11.26 -5.99 12.45
N LYS C 209 -10.30 -5.08 12.54
CA LYS C 209 -10.35 -4.00 13.51
C LYS C 209 -10.13 -2.68 12.78
N LYS C 210 -11.21 -1.92 12.64
CA LYS C 210 -11.13 -0.60 12.03
C LYS C 210 -10.50 0.38 13.02
N ILE C 211 -9.52 1.15 12.55
CA ILE C 211 -8.81 2.11 13.40
C ILE C 211 -9.57 3.43 13.32
N VAL C 212 -10.21 3.81 14.42
CA VAL C 212 -10.97 5.05 14.48
C VAL C 212 -10.22 6.04 15.38
N PRO C 213 -10.35 7.34 15.14
CA PRO C 213 -9.65 8.31 15.99
C PRO C 213 -10.17 8.26 17.43
N ARG C 214 -9.26 8.40 18.37
CA ARG C 214 -9.62 8.47 19.79
C ARG C 214 -9.56 9.92 20.27
N ASP D 1 25.76 -36.88 3.10
CA ASP D 1 26.70 -37.48 2.16
C ASP D 1 27.62 -36.43 1.58
N ILE D 2 27.34 -36.01 0.36
CA ILE D 2 28.09 -34.93 -0.25
C ILE D 2 27.86 -33.69 0.60
N VAL D 3 28.92 -33.22 1.24
CA VAL D 3 28.84 -32.06 2.10
C VAL D 3 28.91 -30.81 1.22
N MET D 4 28.16 -29.78 1.59
CA MET D 4 28.18 -28.51 0.87
C MET D 4 28.63 -27.44 1.85
N THR D 5 29.85 -26.94 1.66
CA THR D 5 30.43 -25.95 2.55
C THR D 5 30.28 -24.58 1.92
N GLN D 6 29.46 -23.73 2.53
CA GLN D 6 29.17 -22.41 2.01
C GLN D 6 29.89 -21.36 2.86
N THR D 7 30.39 -20.32 2.20
CA THR D 7 31.21 -19.31 2.82
C THR D 7 31.08 -18.00 2.06
N PRO D 8 31.03 -16.83 2.75
CA PRO D 8 31.08 -16.72 4.21
C PRO D 8 29.72 -16.89 4.87
N SER D 9 29.71 -16.99 6.20
CA SER D 9 28.45 -17.18 6.92
C SER D 9 27.61 -15.91 6.95
N SER D 10 28.26 -14.75 7.07
CA SER D 10 27.58 -13.47 7.07
C SER D 10 28.24 -12.53 6.08
N LEU D 11 27.49 -11.55 5.62
CA LEU D 11 27.98 -10.56 4.68
C LEU D 11 27.36 -9.20 4.98
N SER D 12 28.15 -8.15 4.80
CA SER D 12 27.68 -6.77 5.00
C SER D 12 28.29 -5.92 3.90
N ALA D 13 27.45 -5.44 2.98
CA ALA D 13 27.90 -4.63 1.86
C ALA D 13 26.98 -3.45 1.68
N SER D 14 27.41 -2.52 0.84
CA SER D 14 26.67 -1.29 0.59
C SER D 14 25.85 -1.40 -0.68
N LEU D 15 24.87 -0.51 -0.79
CA LEU D 15 24.12 -0.39 -2.03
C LEU D 15 25.07 -0.09 -3.20
N GLY D 16 24.82 -0.74 -4.33
CA GLY D 16 25.71 -0.63 -5.47
C GLY D 16 26.96 -1.48 -5.40
N GLY D 17 27.30 -2.00 -4.22
CA GLY D 17 28.46 -2.85 -4.06
C GLY D 17 28.29 -4.21 -4.73
N LYS D 18 29.24 -5.09 -4.46
CA LYS D 18 29.26 -6.43 -5.00
C LYS D 18 29.68 -7.42 -3.92
N VAL D 19 28.96 -8.55 -3.84
CA VAL D 19 29.28 -9.62 -2.91
C VAL D 19 29.49 -10.90 -3.70
N THR D 20 30.19 -11.83 -3.08
CA THR D 20 30.47 -13.13 -3.68
C THR D 20 30.41 -14.18 -2.58
N ILE D 21 29.69 -15.27 -2.84
CA ILE D 21 29.61 -16.42 -1.95
C ILE D 21 30.20 -17.62 -2.67
N THR D 22 30.93 -18.46 -1.95
CA THR D 22 31.45 -19.70 -2.52
C THR D 22 30.85 -20.89 -1.82
N CYS D 23 30.86 -22.02 -2.52
CA CYS D 23 30.30 -23.27 -2.04
C CYS D 23 31.27 -24.37 -2.43
N LYS D 24 31.73 -25.14 -1.46
CA LYS D 24 32.69 -26.22 -1.71
C LYS D 24 32.02 -27.55 -1.42
N ALA D 25 31.80 -28.33 -2.48
CA ALA D 25 31.29 -29.68 -2.31
C ALA D 25 32.42 -30.63 -2.00
N SER D 26 32.14 -31.63 -1.15
CA SER D 26 33.15 -32.62 -0.79
C SER D 26 33.44 -33.61 -1.92
N GLN D 27 32.90 -33.36 -3.11
CA GLN D 27 33.03 -34.26 -4.26
C GLN D 27 32.52 -33.53 -5.48
N LYS D 28 33.04 -33.91 -6.65
CA LYS D 28 32.57 -33.37 -7.92
C LYS D 28 31.07 -33.58 -8.06
N ILE D 29 30.34 -32.50 -8.35
CA ILE D 29 28.89 -32.55 -8.49
C ILE D 29 28.43 -32.16 -9.88
N ASN D 30 29.35 -32.08 -10.84
CA ASN D 30 29.04 -32.00 -12.27
C ASN D 30 28.14 -30.82 -12.61
N ASN D 31 28.39 -29.68 -11.97
CA ASN D 31 27.75 -28.40 -12.21
C ASN D 31 26.26 -28.38 -11.84
N TYR D 32 25.76 -29.42 -11.17
CA TYR D 32 24.36 -29.42 -10.73
C TYR D 32 24.27 -28.76 -9.35
N ILE D 33 24.51 -27.46 -9.34
CA ILE D 33 24.39 -26.64 -8.13
C ILE D 33 23.43 -25.51 -8.42
N ALA D 34 22.62 -25.16 -7.43
CA ALA D 34 21.66 -24.08 -7.55
C ALA D 34 21.85 -23.11 -6.39
N TRP D 35 21.34 -21.90 -6.57
CA TRP D 35 21.47 -20.83 -5.58
C TRP D 35 20.11 -20.21 -5.29
N TYR D 36 19.84 -19.99 -4.02
CA TYR D 36 18.52 -19.57 -3.56
C TYR D 36 18.63 -18.30 -2.72
N GLN D 37 17.63 -17.44 -2.84
CA GLN D 37 17.46 -16.29 -1.97
C GLN D 37 16.25 -16.53 -1.08
N LEU D 38 16.43 -16.38 0.23
CA LEU D 38 15.36 -16.54 1.21
C LEU D 38 15.18 -15.19 1.89
N LYS D 39 14.22 -14.41 1.40
CA LYS D 39 13.90 -13.12 2.03
C LYS D 39 13.10 -13.36 3.31
N PRO D 40 13.16 -12.42 4.25
CA PRO D 40 12.36 -12.57 5.48
C PRO D 40 10.88 -12.69 5.16
N GLY D 41 10.25 -13.68 5.76
CA GLY D 41 8.83 -13.97 5.50
C GLY D 41 8.56 -14.88 4.33
N LYS D 42 9.13 -14.57 3.16
CA LYS D 42 8.88 -15.33 1.95
C LYS D 42 9.61 -16.67 1.99
N GLY D 43 9.23 -17.54 1.06
CA GLY D 43 9.87 -18.83 0.91
C GLY D 43 11.06 -18.77 -0.03
N PRO D 44 11.83 -19.85 -0.12
CA PRO D 44 13.02 -19.85 -0.98
C PRO D 44 12.68 -19.60 -2.43
N ARG D 45 13.58 -18.87 -3.11
CA ARG D 45 13.40 -18.47 -4.50
C ARG D 45 14.68 -18.83 -5.24
N GLN D 46 14.59 -19.78 -6.16
CA GLN D 46 15.78 -20.17 -6.92
C GLN D 46 16.20 -19.05 -7.85
N LEU D 47 17.45 -18.62 -7.74
CA LEU D 47 18.02 -17.61 -8.61
C LEU D 47 18.77 -18.21 -9.79
N ILE D 48 19.59 -19.22 -9.54
CA ILE D 48 20.45 -19.82 -10.56
C ILE D 48 20.33 -21.34 -10.44
N HIS D 49 20.36 -22.01 -11.58
CA HIS D 49 20.49 -23.46 -11.64
C HIS D 49 21.62 -23.81 -12.59
N TYR D 50 22.07 -25.06 -12.50
CA TYR D 50 23.18 -25.56 -13.32
C TYR D 50 24.36 -24.58 -13.32
N THR D 51 24.82 -24.25 -12.11
CA THR D 51 25.99 -23.42 -11.86
C THR D 51 25.81 -21.97 -12.29
N SER D 52 25.39 -21.73 -13.53
CA SER D 52 25.41 -20.39 -14.09
C SER D 52 24.15 -19.97 -14.82
N LYS D 53 23.15 -20.84 -14.96
CA LYS D 53 21.95 -20.53 -15.71
C LYS D 53 20.96 -19.80 -14.81
N LEU D 54 20.57 -18.59 -15.20
CA LEU D 54 19.66 -17.78 -14.41
C LEU D 54 18.21 -18.19 -14.67
N GLN D 55 17.43 -18.22 -13.60
CA GLN D 55 16.01 -18.52 -13.72
C GLN D 55 15.29 -17.38 -14.46
N PRO D 56 14.21 -17.69 -15.16
CA PRO D 56 13.44 -16.64 -15.84
C PRO D 56 12.95 -15.60 -14.85
N GLY D 57 13.33 -14.35 -15.09
CA GLY D 57 12.97 -13.24 -14.23
C GLY D 57 14.04 -12.78 -13.28
N ILE D 58 15.23 -13.37 -13.33
CA ILE D 58 16.34 -13.00 -12.45
C ILE D 58 17.26 -12.05 -13.22
N PRO D 59 17.49 -10.83 -12.73
CA PRO D 59 18.37 -9.91 -13.44
C PRO D 59 19.78 -10.46 -13.55
N SER D 60 20.45 -10.10 -14.65
CA SER D 60 21.77 -10.65 -14.93
C SER D 60 22.83 -10.17 -13.96
N ARG D 61 22.51 -9.25 -13.05
CA ARG D 61 23.47 -8.85 -12.03
C ARG D 61 23.72 -9.95 -11.01
N PHE D 62 22.93 -11.01 -11.03
CA PHE D 62 23.25 -12.23 -10.29
C PHE D 62 24.05 -13.16 -11.20
N SER D 63 25.11 -13.75 -10.65
CA SER D 63 25.97 -14.61 -11.45
C SER D 63 26.48 -15.75 -10.59
N GLY D 64 26.72 -16.89 -11.24
CA GLY D 64 27.33 -18.01 -10.58
C GLY D 64 28.32 -18.67 -11.53
N SER D 65 29.34 -19.29 -10.95
CA SER D 65 30.39 -19.91 -11.74
C SER D 65 31.01 -21.04 -10.95
N GLY D 66 31.74 -21.89 -11.66
CA GLY D 66 32.45 -22.98 -11.02
C GLY D 66 32.44 -24.27 -11.81
N SER D 67 33.15 -25.27 -11.29
CA SER D 67 33.22 -26.59 -11.89
C SER D 67 33.82 -27.50 -10.83
N GLY D 68 33.75 -28.81 -11.09
CA GLY D 68 34.29 -29.76 -10.15
C GLY D 68 33.62 -29.72 -8.80
N SER D 69 34.36 -29.31 -7.78
CA SER D 69 33.85 -29.23 -6.42
C SER D 69 33.87 -27.81 -5.86
N ASP D 70 34.12 -26.82 -6.70
CA ASP D 70 34.28 -25.43 -6.25
C ASP D 70 33.37 -24.55 -7.09
N TYR D 71 32.43 -23.87 -6.42
CA TYR D 71 31.45 -23.02 -7.09
C TYR D 71 31.33 -21.72 -6.32
N SER D 72 30.93 -20.66 -7.02
CA SER D 72 30.77 -19.36 -6.41
C SER D 72 29.52 -18.68 -6.94
N PHE D 73 28.96 -17.81 -6.12
CA PHE D 73 27.76 -17.04 -6.43
C PHE D 73 28.07 -15.57 -6.14
N SER D 74 27.67 -14.69 -7.06
CA SER D 74 28.02 -13.28 -6.95
CA SER D 74 28.01 -13.28 -6.94
C SER D 74 26.82 -12.41 -7.28
N ILE D 75 26.66 -11.31 -6.55
CA ILE D 75 25.63 -10.32 -6.79
C ILE D 75 26.33 -8.97 -6.95
N SER D 76 26.08 -8.31 -8.07
CA SER D 76 26.67 -7.02 -8.37
C SER D 76 25.60 -5.94 -8.38
N ASN D 77 26.03 -4.70 -8.12
CA ASN D 77 25.14 -3.54 -8.03
C ASN D 77 23.98 -3.83 -7.08
N LEU D 78 24.33 -4.00 -5.81
CA LEU D 78 23.38 -4.43 -4.80
C LEU D 78 22.20 -3.48 -4.69
N GLU D 79 21.01 -4.06 -4.54
CA GLU D 79 19.77 -3.36 -4.33
C GLU D 79 19.23 -3.71 -2.95
N PRO D 80 18.41 -2.84 -2.35
CA PRO D 80 17.98 -3.10 -0.96
C PRO D 80 17.19 -4.39 -0.80
N GLU D 81 16.46 -4.83 -1.83
CA GLU D 81 15.70 -6.07 -1.69
C GLU D 81 16.57 -7.31 -1.81
N ASP D 82 17.86 -7.16 -2.12
CA ASP D 82 18.75 -8.33 -2.13
C ASP D 82 19.04 -8.83 -0.74
N ILE D 83 18.53 -8.18 0.31
CA ILE D 83 18.77 -8.68 1.66
C ILE D 83 18.05 -10.01 1.84
N GLY D 84 18.58 -10.82 2.73
CA GLY D 84 18.03 -12.11 3.04
C GLY D 84 19.15 -13.09 3.37
N THR D 85 18.83 -14.37 3.26
CA THR D 85 19.81 -15.44 3.42
C THR D 85 19.87 -16.24 2.13
N TYR D 86 21.09 -16.59 1.71
CA TYR D 86 21.36 -17.24 0.44
C TYR D 86 21.90 -18.63 0.68
N TYR D 87 21.53 -19.57 -0.18
CA TYR D 87 21.93 -20.96 0.00
C TYR D 87 22.37 -21.55 -1.32
N CYS D 88 23.37 -22.43 -1.27
CA CYS D 88 23.64 -23.31 -2.40
C CYS D 88 22.95 -24.65 -2.18
N LEU D 89 22.73 -25.37 -3.28
CA LEU D 89 22.05 -26.65 -3.24
C LEU D 89 22.54 -27.52 -4.38
N ARG D 90 23.02 -28.71 -4.05
CA ARG D 90 23.25 -29.73 -5.07
C ARG D 90 21.96 -30.55 -5.20
N TYR D 91 21.39 -30.55 -6.41
CA TYR D 91 20.01 -30.95 -6.60
C TYR D 91 19.82 -32.10 -7.58
N GLU D 92 20.91 -32.63 -8.16
CA GLU D 92 20.78 -33.58 -9.27
C GLU D 92 19.95 -34.79 -8.86
N ASP D 93 20.37 -35.48 -7.80
CA ASP D 93 19.65 -36.65 -7.31
C ASP D 93 19.22 -36.42 -5.85
N LEU D 94 20.09 -36.78 -4.92
CA LEU D 94 19.84 -36.51 -3.50
C LEU D 94 20.43 -35.15 -3.15
N TRP D 95 19.77 -34.46 -2.23
CA TRP D 95 19.99 -33.03 -2.02
C TRP D 95 20.84 -32.73 -0.79
N THR D 96 21.61 -31.66 -0.88
CA THR D 96 22.35 -31.10 0.26
C THR D 96 22.37 -29.58 0.12
N PHE D 97 21.87 -28.89 1.13
CA PHE D 97 21.88 -27.44 1.17
C PHE D 97 23.17 -26.94 1.82
N GLY D 98 23.66 -25.80 1.33
CA GLY D 98 24.70 -25.09 2.03
C GLY D 98 24.21 -24.54 3.36
N GLY D 99 25.17 -24.12 4.19
CA GLY D 99 24.84 -23.60 5.51
C GLY D 99 24.13 -22.26 5.50
N GLY D 100 24.19 -21.53 4.40
CA GLY D 100 23.49 -20.28 4.29
C GLY D 100 24.37 -19.08 4.58
N THR D 101 24.06 -17.96 3.90
CA THR D 101 24.81 -16.71 4.08
C THR D 101 23.80 -15.58 4.26
N LYS D 102 23.81 -14.97 5.45
CA LYS D 102 22.94 -13.84 5.73
C LYS D 102 23.57 -12.56 5.17
N LEU D 103 22.88 -11.93 4.22
CA LEU D 103 23.36 -10.71 3.58
C LEU D 103 22.72 -9.50 4.25
N GLU D 104 23.56 -8.51 4.56
CA GLU D 104 23.16 -7.33 5.30
C GLU D 104 23.58 -6.10 4.50
N ILE D 105 22.68 -5.13 4.37
CA ILE D 105 22.91 -3.94 3.54
C ILE D 105 23.20 -2.75 4.44
N LYS D 106 24.25 -2.00 4.10
CA LYS D 106 24.61 -0.78 4.81
C LYS D 106 24.04 0.43 4.07
N ARG D 107 23.51 1.39 4.85
CA ARG D 107 22.90 2.59 4.29
C ARG D 107 23.27 3.77 5.18
N ALA D 108 22.76 4.94 4.80
CA ALA D 108 22.98 6.14 5.61
C ALA D 108 22.17 6.06 6.90
N ASP D 109 22.57 6.89 7.87
CA ASP D 109 21.85 6.93 9.13
C ASP D 109 20.44 7.45 8.94
N ALA D 110 19.54 7.02 9.81
CA ALA D 110 18.16 7.48 9.81
C ALA D 110 17.67 7.58 11.25
N ALA D 111 16.94 8.65 11.54
CA ALA D 111 16.40 8.74 12.88
C ALA D 111 15.07 7.99 12.97
N PRO D 112 14.80 7.34 14.09
CA PRO D 112 13.55 6.60 14.23
C PRO D 112 12.35 7.54 14.31
N THR D 113 11.28 7.17 13.63
CA THR D 113 9.99 7.85 13.77
C THR D 113 9.27 7.20 14.95
N VAL D 114 9.09 7.95 16.03
CA VAL D 114 8.59 7.41 17.29
C VAL D 114 7.11 7.76 17.43
N SER D 115 6.30 6.75 17.75
CA SER D 115 4.87 6.91 17.95
C SER D 115 4.46 6.14 19.20
N ILE D 116 3.60 6.74 20.01
CA ILE D 116 3.12 6.13 21.25
C ILE D 116 1.61 6.03 21.19
N PHE D 117 1.07 4.94 21.74
CA PHE D 117 -0.34 4.65 21.68
C PHE D 117 -0.86 4.27 23.06
N PRO D 118 -1.91 4.92 23.55
CA PRO D 118 -2.52 4.49 24.80
C PRO D 118 -3.23 3.16 24.63
N PRO D 119 -3.52 2.46 25.73
CA PRO D 119 -4.33 1.23 25.61
C PRO D 119 -5.68 1.56 25.02
N SER D 120 -6.17 0.66 24.16
CA SER D 120 -7.50 0.83 23.60
C SER D 120 -8.55 0.62 24.69
N SER D 121 -9.67 1.34 24.56
CA SER D 121 -10.78 1.13 25.48
C SER D 121 -11.30 -0.30 25.40
N GLU D 122 -11.12 -0.96 24.25
CA GLU D 122 -11.50 -2.37 24.12
C GLU D 122 -10.67 -3.24 25.04
N GLN D 123 -9.38 -2.94 25.19
CA GLN D 123 -8.54 -3.75 26.06
C GLN D 123 -8.81 -3.46 27.53
N LEU D 124 -9.03 -2.18 27.86
CA LEU D 124 -9.31 -1.81 29.25
C LEU D 124 -10.54 -2.53 29.79
N THR D 125 -11.54 -2.77 28.94
CA THR D 125 -12.75 -3.45 29.39
C THR D 125 -12.42 -4.81 30.00
N SER D 126 -11.44 -5.51 29.44
CA SER D 126 -11.05 -6.84 29.91
C SER D 126 -10.06 -6.79 31.06
N GLY D 127 -9.68 -5.61 31.52
CA GLY D 127 -8.78 -5.47 32.64
C GLY D 127 -7.32 -5.36 32.30
N GLY D 128 -6.96 -5.40 31.02
CA GLY D 128 -5.59 -5.22 30.60
C GLY D 128 -5.32 -3.81 30.13
N ALA D 129 -4.04 -3.46 30.06
CA ALA D 129 -3.63 -2.13 29.58
C ALA D 129 -2.22 -2.27 29.01
N SER D 130 -2.12 -2.27 27.69
CA SER D 130 -0.84 -2.29 26.99
C SER D 130 -0.59 -0.93 26.37
N VAL D 131 0.56 -0.35 26.67
CA VAL D 131 1.00 0.90 26.06
C VAL D 131 2.08 0.55 25.06
N VAL D 132 1.89 0.98 23.81
CA VAL D 132 2.72 0.55 22.70
C VAL D 132 3.48 1.75 22.16
N CYS D 133 4.78 1.56 21.91
CA CYS D 133 5.63 2.57 21.31
C CYS D 133 6.29 1.96 20.09
N PHE D 134 6.15 2.60 18.93
CA PHE D 134 6.79 2.16 17.70
C PHE D 134 8.00 3.04 17.44
N LEU D 135 9.15 2.41 17.17
CA LEU D 135 10.37 3.10 16.76
C LEU D 135 10.69 2.58 15.35
N ASN D 136 10.28 3.32 14.33
CA ASN D 136 10.23 2.80 12.97
C ASN D 136 11.30 3.44 12.09
N ASN D 137 11.86 2.62 11.19
CA ASN D 137 12.69 3.09 10.08
C ASN D 137 13.89 3.90 10.56
N PHE D 138 14.76 3.23 11.29
CA PHE D 138 16.00 3.82 11.78
C PHE D 138 17.19 2.97 11.33
N TYR D 139 18.37 3.53 11.50
CA TYR D 139 19.62 2.87 11.15
C TYR D 139 20.78 3.54 11.86
N PRO D 140 21.72 2.78 12.47
CA PRO D 140 21.80 1.32 12.47
C PRO D 140 20.83 0.61 13.42
N LYS D 141 20.99 -0.70 13.56
CA LYS D 141 20.06 -1.54 14.29
C LYS D 141 20.05 -1.28 15.79
N ASP D 142 21.03 -0.54 16.32
CA ASP D 142 21.15 -0.34 17.75
C ASP D 142 20.25 0.80 18.21
N ILE D 143 19.49 0.58 19.28
CA ILE D 143 18.59 1.59 19.81
C ILE D 143 18.18 1.18 21.22
N ASN D 144 17.78 2.15 22.04
CA ASN D 144 17.34 1.91 23.40
C ASN D 144 16.03 2.65 23.64
N VAL D 145 15.17 2.04 24.47
CA VAL D 145 13.86 2.59 24.79
C VAL D 145 13.71 2.67 26.29
N LYS D 146 13.27 3.82 26.79
CA LYS D 146 13.01 4.03 28.20
C LYS D 146 11.56 4.43 28.39
N TRP D 147 10.86 3.74 29.28
CA TRP D 147 9.48 4.04 29.63
C TRP D 147 9.45 4.83 30.92
N LYS D 148 8.82 6.00 30.90
CA LYS D 148 8.66 6.83 32.08
C LYS D 148 7.17 7.01 32.37
N ILE D 149 6.78 6.77 33.61
CA ILE D 149 5.40 6.93 34.05
C ILE D 149 5.36 8.03 35.11
N ASP D 150 4.63 9.10 34.82
CA ASP D 150 4.55 10.26 35.70
C ASP D 150 5.94 10.80 36.02
N GLY D 151 6.83 10.80 35.02
CA GLY D 151 8.16 11.32 35.18
C GLY D 151 9.18 10.38 35.77
N SER D 152 8.76 9.23 36.29
CA SER D 152 9.67 8.24 36.86
C SER D 152 9.70 7.02 35.95
N GLU D 153 10.91 6.61 35.56
CA GLU D 153 11.04 5.53 34.59
C GLU D 153 10.67 4.18 35.20
N ARG D 154 10.18 3.28 34.35
CA ARG D 154 9.71 1.97 34.78
C ARG D 154 10.32 0.89 33.91
N GLN D 155 10.78 -0.18 34.56
CA GLN D 155 11.40 -1.30 33.86
C GLN D 155 10.55 -2.56 33.84
N ASN D 156 9.55 -2.68 34.72
CA ASN D 156 8.78 -3.91 34.84
C ASN D 156 7.71 -3.98 33.75
N GLY D 157 7.62 -5.13 33.08
CA GLY D 157 6.57 -5.36 32.12
C GLY D 157 6.79 -4.76 30.75
N VAL D 158 8.05 -4.58 30.34
CA VAL D 158 8.37 -3.99 29.05
C VAL D 158 8.92 -5.10 28.15
N LEU D 159 8.23 -5.36 27.04
CA LEU D 159 8.65 -6.33 26.05
C LEU D 159 8.94 -5.64 24.73
N ASN D 160 10.04 -6.02 24.11
CA ASN D 160 10.51 -5.40 22.88
C ASN D 160 10.59 -6.42 21.76
N SER D 161 10.59 -5.92 20.52
CA SER D 161 10.67 -6.78 19.34
C SER D 161 11.25 -5.99 18.18
N TRP D 162 12.27 -6.55 17.53
CA TRP D 162 12.91 -5.96 16.37
C TRP D 162 12.50 -6.69 15.11
N THR D 163 12.28 -5.94 14.03
CA THR D 163 12.02 -6.56 12.73
C THR D 163 13.33 -6.82 12.01
N ASP D 164 13.26 -7.67 11.00
CA ASP D 164 14.36 -7.81 10.07
C ASP D 164 14.60 -6.51 9.32
N GLN D 165 15.77 -6.40 8.70
CA GLN D 165 16.05 -5.24 7.87
C GLN D 165 14.99 -5.12 6.77
N ASP D 166 14.55 -3.89 6.51
CA ASP D 166 13.51 -3.65 5.52
C ASP D 166 14.07 -3.82 4.12
N SER D 167 13.34 -4.54 3.27
CA SER D 167 13.82 -4.78 1.91
C SER D 167 13.58 -3.61 0.97
N LYS D 168 12.87 -2.56 1.42
CA LYS D 168 12.67 -1.37 0.60
C LYS D 168 13.66 -0.27 0.91
N ASP D 169 13.84 0.10 2.18
CA ASP D 169 14.71 1.21 2.56
C ASP D 169 15.88 0.79 3.43
N SER D 170 16.06 -0.51 3.68
CA SER D 170 17.21 -1.05 4.41
C SER D 170 17.27 -0.56 5.86
N THR D 171 16.16 -0.09 6.41
CA THR D 171 16.13 0.37 7.79
C THR D 171 15.61 -0.74 8.70
N TYR D 172 15.67 -0.46 10.00
CA TYR D 172 15.16 -1.35 11.03
C TYR D 172 14.02 -0.69 11.77
N SER D 173 13.20 -1.50 12.44
CA SER D 173 12.12 -1.00 13.26
C SER D 173 12.08 -1.78 14.56
N MET D 174 11.39 -1.22 15.54
CA MET D 174 11.34 -1.84 16.86
C MET D 174 10.04 -1.46 17.55
N SER D 175 9.40 -2.45 18.17
CA SER D 175 8.21 -2.24 18.98
CA SER D 175 8.22 -2.23 18.98
C SER D 175 8.57 -2.38 20.45
N SER D 176 7.94 -1.57 21.28
CA SER D 176 8.14 -1.62 22.73
C SER D 176 6.77 -1.53 23.37
N THR D 177 6.42 -2.56 24.16
CA THR D 177 5.09 -2.68 24.74
C THR D 177 5.21 -2.75 26.25
N LEU D 178 4.67 -1.74 26.93
CA LEU D 178 4.58 -1.74 28.39
C LEU D 178 3.23 -2.31 28.78
N THR D 179 3.21 -3.58 29.19
CA THR D 179 1.98 -4.28 29.51
C THR D 179 1.65 -4.06 30.98
N LEU D 180 0.54 -3.39 31.24
CA LEU D 180 0.16 -3.01 32.59
C LEU D 180 -1.18 -3.60 32.97
N THR D 181 -1.42 -3.62 34.27
CA THR D 181 -2.77 -3.85 34.80
C THR D 181 -3.61 -2.60 34.58
N LYS D 182 -4.89 -2.80 34.24
CA LYS D 182 -5.80 -1.67 34.05
C LYS D 182 -5.87 -0.79 35.29
N ASP D 183 -5.93 -1.40 36.47
CA ASP D 183 -5.88 -0.65 37.71
C ASP D 183 -4.57 0.12 37.83
N GLU D 184 -3.45 -0.55 37.56
CA GLU D 184 -2.15 0.11 37.56
C GLU D 184 -2.13 1.30 36.59
N TYR D 185 -2.56 1.06 35.35
CA TYR D 185 -2.60 2.13 34.36
C TYR D 185 -3.51 3.28 34.78
N GLU D 186 -4.60 2.97 35.48
CA GLU D 186 -5.55 4.00 35.89
C GLU D 186 -5.06 4.84 37.06
N ARG D 187 -3.93 4.49 37.68
CA ARG D 187 -3.45 5.26 38.82
C ARG D 187 -2.66 6.48 38.38
N HIS D 188 -1.87 6.35 37.32
CA HIS D 188 -0.98 7.40 36.87
C HIS D 188 -1.62 8.17 35.72
N ASN D 189 -0.91 9.19 35.22
CA ASN D 189 -1.45 10.10 34.23
CA ASN D 189 -1.45 10.10 34.23
C ASN D 189 -0.63 10.18 32.96
N SER D 190 0.67 10.47 33.07
CA SER D 190 1.53 10.68 31.91
C SER D 190 2.37 9.44 31.63
N TYR D 191 2.39 9.02 30.37
CA TYR D 191 3.18 7.88 29.92
C TYR D 191 4.09 8.35 28.79
N THR D 192 5.37 8.04 28.91
CA THR D 192 6.39 8.61 28.04
C THR D 192 7.28 7.50 27.48
N CYS D 193 7.49 7.54 26.17
CA CYS D 193 8.43 6.67 25.48
C CYS D 193 9.63 7.50 25.01
N GLU D 194 10.83 7.08 25.40
CA GLU D 194 12.05 7.80 25.08
C GLU D 194 12.97 6.91 24.25
N ALA D 195 13.39 7.41 23.10
CA ALA D 195 14.20 6.65 22.15
C ALA D 195 15.62 7.21 22.12
N THR D 196 16.59 6.38 22.47
CA THR D 196 18.00 6.76 22.47
C THR D 196 18.67 6.12 21.26
N HIS D 197 18.98 6.94 20.25
CA HIS D 197 19.60 6.47 19.03
C HIS D 197 20.85 7.31 18.74
N LYS D 198 21.70 6.78 17.85
CA LYS D 198 22.95 7.45 17.52
C LYS D 198 22.75 8.69 16.66
N THR D 199 21.61 8.80 15.97
CA THR D 199 21.39 9.93 15.07
C THR D 199 21.16 11.24 15.81
N SER D 200 21.09 11.22 17.14
CA SER D 200 20.89 12.43 17.91
C SER D 200 21.47 12.24 19.31
N THR D 201 21.99 13.33 19.88
CA THR D 201 22.48 13.27 21.24
C THR D 201 21.34 13.26 22.26
N SER D 202 20.27 14.00 21.97
CA SER D 202 19.09 14.00 22.82
C SER D 202 18.10 12.94 22.36
N PRO D 203 17.41 12.28 23.30
CA PRO D 203 16.47 11.23 22.91
C PRO D 203 15.21 11.79 22.28
N ILE D 204 14.57 10.95 21.47
CA ILE D 204 13.27 11.26 20.88
C ILE D 204 12.20 10.85 21.88
N VAL D 205 11.36 11.80 22.29
CA VAL D 205 10.43 11.62 23.38
C VAL D 205 9.01 11.81 22.86
N LYS D 206 8.17 10.79 23.05
CA LYS D 206 6.75 10.86 22.77
C LYS D 206 5.98 10.48 24.04
N SER D 207 4.86 11.15 24.27
CA SER D 207 4.11 10.92 25.49
C SER D 207 2.64 11.21 25.27
N PHE D 208 1.82 10.73 26.22
CA PHE D 208 0.41 11.08 26.27
C PHE D 208 -0.01 11.17 27.72
N ASN D 209 -1.09 11.90 27.96
CA ASN D 209 -1.68 12.01 29.29
C ASN D 209 -2.96 11.16 29.32
N ARG D 210 -3.02 10.24 30.29
CA ARG D 210 -4.19 9.36 30.40
C ARG D 210 -5.48 10.17 30.48
N ASN D 211 -5.42 11.32 31.14
CA ASN D 211 -6.57 12.21 31.22
C ASN D 211 -6.78 12.95 29.90
#